data_3G4D
#
_entry.id   3G4D
#
_cell.length_a   158.195
_cell.length_b   158.195
_cell.length_c   158.195
_cell.angle_alpha   90.00
_cell.angle_beta   90.00
_cell.angle_gamma   90.00
#
_symmetry.space_group_name_H-M   'P 21 3'
#
loop_
_entity.id
_entity.type
_entity.pdbx_description
1 polymer '(+)-delta-cadinene synthase isozyme XC1'
2 non-polymer BETA-MERCAPTOETHANOL
3 non-polymer GLYCEROL
4 water water
#
_entity_poly.entity_id   1
_entity_poly.type   'polypeptide(L)'
_entity_poly.pdbx_seq_one_letter_code
;MASQVSQMPSSSPLSSNKDEMRPKADFQPSIWGDLFLNCPDKNIDAETEKRHQQLKEEVRKMIVAPMANSTQKLAFIDSV
QRLGVSYHFTKEIEDELENIYHNNNDAENDLYTTSIRFRLLREHGYNVSCDVFNKFKDEQGNFKSSVTSDVRGLLELYQA
SYLRVHGEDILDEAISFTTHHLSLAVASLDHPLSEEVSHALKQSIRRGLPRVEARHYLSVYQDIESHNKALLEFAKIDFN
MLQFLHRKELSEICRWWKDLDFQRKLPYARDRVVEGYFWISGVYFEPQYSLGRKMLTKVIAMASIVDDTYDSYATYEELI
PYTNAIERWDIKCIDEIPEYMKPSYKALLDVYEEMVQLVAEHGRQYRVEYAKNAMIRLAQSYLVEAKWTLQNYKPSFEEF
KANALPTCGYAMLAITSFVGMGDIVTPETFKWAASDPKIIQASTIICRFMDDVAEHKFKHRREDDCSAIECYMEEYGVTA
QEAYDVFNKHVESAWKDLNQEFLKPTEMPTEVLNRSLNLARVMDVLYREGDGYTYVGKAAKGGITSLLIEPIAL
;
_entity_poly.pdbx_strand_id   A,B
#
# COMPACT_ATOMS: atom_id res chain seq x y z
N ALA A 25 0.96 -8.35 9.91
CA ALA A 25 2.42 -8.25 9.89
C ALA A 25 2.89 -7.02 9.13
N ASP A 26 1.94 -6.21 8.70
CA ASP A 26 2.22 -5.05 7.84
C ASP A 26 0.92 -4.29 7.60
N PHE A 27 0.38 -3.76 8.69
CA PHE A 27 -0.95 -3.14 8.75
C PHE A 27 -1.25 -2.08 7.70
N GLN A 28 -2.54 -1.87 7.45
CA GLN A 28 -2.99 -0.71 6.70
C GLN A 28 -2.24 -0.66 5.37
N PRO A 29 -2.02 0.53 4.80
CA PRO A 29 -2.66 1.84 5.02
C PRO A 29 -3.57 2.13 3.86
N SER A 30 -4.55 3.00 4.07
CA SER A 30 -5.42 3.43 2.99
C SER A 30 -4.58 4.03 1.85
N ILE A 31 -4.90 3.68 0.62
CA ILE A 31 -4.23 4.30 -0.52
C ILE A 31 -4.58 5.78 -0.62
N TRP A 32 -5.66 6.16 0.05
CA TRP A 32 -6.18 7.53 -0.03
C TRP A 32 -5.51 8.47 0.96
N GLY A 33 -4.70 7.92 1.85
CA GLY A 33 -4.01 8.71 2.85
C GLY A 33 -5.00 9.47 3.71
N ASP A 34 -4.76 10.78 3.85
CA ASP A 34 -5.63 11.64 4.65
C ASP A 34 -6.47 12.53 3.75
N LEU A 35 -6.56 12.14 2.49
CA LEU A 35 -7.31 12.92 1.53
C LEU A 35 -8.74 13.29 1.99
N PHE A 36 -9.37 12.41 2.77
CA PHE A 36 -10.78 12.57 3.13
C PHE A 36 -11.01 12.97 4.59
N LEU A 37 -9.90 13.05 5.32
CA LEU A 37 -9.96 13.25 6.77
C LEU A 37 -10.63 14.58 7.18
N ASN A 38 -10.28 15.67 6.53
CA ASN A 38 -10.79 16.98 6.92
C ASN A 38 -12.19 17.25 6.40
N CYS A 39 -12.94 18.06 7.15
CA CYS A 39 -14.22 18.56 6.69
C CYS A 39 -14.04 19.30 5.37
N PRO A 40 -14.91 19.01 4.40
CA PRO A 40 -14.90 19.57 3.04
C PRO A 40 -15.02 21.10 3.04
N ASP A 41 -14.44 21.73 2.02
CA ASP A 41 -14.35 23.19 1.85
C ASP A 41 -12.92 23.70 2.06
N ASP A 45 -22.33 28.68 -2.10
CA ASP A 45 -22.97 29.80 -2.79
C ASP A 45 -24.48 29.69 -2.69
N ALA A 46 -25.10 30.69 -2.07
CA ALA A 46 -26.53 30.67 -1.79
C ALA A 46 -27.39 30.91 -3.03
N GLU A 47 -26.80 31.54 -4.05
CA GLU A 47 -27.50 31.73 -5.31
C GLU A 47 -27.82 30.38 -5.92
N THR A 48 -26.81 29.53 -6.04
CA THR A 48 -27.00 28.21 -6.64
C THR A 48 -27.93 27.31 -5.82
N GLU A 49 -28.04 27.56 -4.53
CA GLU A 49 -28.99 26.81 -3.71
C GLU A 49 -30.42 27.22 -4.04
N LYS A 50 -30.63 28.50 -4.29
CA LYS A 50 -31.95 28.98 -4.70
C LYS A 50 -32.29 28.45 -6.09
N ARG A 51 -31.29 28.46 -6.98
CA ARG A 51 -31.43 27.90 -8.32
C ARG A 51 -31.94 26.47 -8.20
N HIS A 52 -31.25 25.68 -7.40
CA HIS A 52 -31.58 24.28 -7.18
C HIS A 52 -33.01 24.14 -6.71
N GLN A 53 -33.37 24.90 -5.69
CA GLN A 53 -34.73 24.86 -5.16
C GLN A 53 -35.78 25.18 -6.24
N GLN A 54 -35.46 26.10 -7.13
CA GLN A 54 -36.39 26.49 -8.18
C GLN A 54 -36.43 25.45 -9.31
N LEU A 55 -35.25 24.96 -9.69
CA LEU A 55 -35.14 23.95 -10.72
C LEU A 55 -35.91 22.68 -10.35
N LYS A 56 -35.85 22.31 -9.08
CA LYS A 56 -36.52 21.11 -8.63
C LYS A 56 -38.01 21.15 -8.96
N GLU A 57 -38.63 22.31 -8.71
CA GLU A 57 -40.06 22.47 -8.97
C GLU A 57 -40.39 22.46 -10.47
N GLU A 58 -39.51 23.07 -11.27
CA GLU A 58 -39.68 23.10 -12.72
C GLU A 58 -39.62 21.68 -13.28
N VAL A 59 -38.64 20.90 -12.82
CA VAL A 59 -38.51 19.51 -13.25
C VAL A 59 -39.74 18.72 -12.82
N ARG A 60 -40.18 18.94 -11.58
CA ARG A 60 -41.39 18.30 -11.07
C ARG A 60 -42.57 18.55 -12.01
N LYS A 61 -42.80 19.82 -12.34
CA LYS A 61 -43.90 20.21 -13.23
C LYS A 61 -43.78 19.57 -14.61
N MET A 62 -42.56 19.45 -15.12
CA MET A 62 -42.37 18.82 -16.43
C MET A 62 -42.74 17.34 -16.41
N ILE A 63 -42.60 16.70 -15.25
CA ILE A 63 -42.96 15.28 -15.15
C ILE A 63 -44.48 15.13 -15.23
N VAL A 64 -45.18 16.00 -14.53
CA VAL A 64 -46.64 15.95 -14.46
C VAL A 64 -47.32 16.50 -15.72
N ALA A 65 -46.69 17.48 -16.34
CA ALA A 65 -47.23 18.09 -17.54
C ALA A 65 -47.00 17.19 -18.75
N PRO A 66 -47.91 17.26 -19.73
CA PRO A 66 -47.86 16.41 -20.92
C PRO A 66 -46.62 16.67 -21.74
N MET A 67 -46.21 15.65 -22.50
CA MET A 67 -45.23 15.83 -23.56
C MET A 67 -45.84 15.35 -24.88
N ALA A 68 -45.07 15.35 -25.96
CA ALA A 68 -45.66 15.13 -27.28
C ALA A 68 -46.39 13.78 -27.40
N ASN A 69 -45.86 12.75 -26.76
CA ASN A 69 -46.51 11.44 -26.70
C ASN A 69 -46.03 10.64 -25.49
N SER A 70 -46.52 9.41 -25.34
CA SER A 70 -46.14 8.57 -24.21
C SER A 70 -44.67 8.19 -24.27
N THR A 71 -44.16 8.01 -25.48
CA THR A 71 -42.76 7.66 -25.68
C THR A 71 -41.83 8.75 -25.16
N GLN A 72 -42.22 10.01 -25.34
CA GLN A 72 -41.39 11.12 -24.88
C GLN A 72 -41.44 11.25 -23.36
N LYS A 73 -42.63 11.12 -22.78
CA LYS A 73 -42.78 11.13 -21.33
C LYS A 73 -41.96 9.99 -20.71
N LEU A 74 -42.02 8.80 -21.33
CA LEU A 74 -41.22 7.67 -20.86
C LEU A 74 -39.72 7.97 -20.95
N ALA A 75 -39.29 8.47 -22.10
CA ALA A 75 -37.90 8.83 -22.31
C ALA A 75 -37.43 9.85 -21.28
N PHE A 76 -38.33 10.77 -20.92
CA PHE A 76 -37.98 11.85 -19.99
C PHE A 76 -37.81 11.30 -18.58
N ILE A 77 -38.72 10.43 -18.17
CA ILE A 77 -38.65 9.76 -16.88
C ILE A 77 -37.35 8.97 -16.79
N ASP A 78 -37.02 8.24 -17.84
CA ASP A 78 -35.77 7.51 -17.90
C ASP A 78 -34.59 8.46 -17.62
N SER A 79 -34.63 9.63 -18.23
CA SER A 79 -33.54 10.59 -18.07
C SER A 79 -33.45 11.12 -16.64
N VAL A 80 -34.61 11.42 -16.05
CA VAL A 80 -34.66 11.83 -14.65
C VAL A 80 -34.05 10.75 -13.74
N GLN A 81 -34.37 9.49 -14.01
CA GLN A 81 -33.81 8.40 -13.23
C GLN A 81 -32.32 8.24 -13.48
N ARG A 82 -31.92 8.29 -14.74
CA ARG A 82 -30.53 8.06 -15.07
C ARG A 82 -29.59 9.20 -14.66
N LEU A 83 -30.14 10.40 -14.49
CA LEU A 83 -29.34 11.52 -14.00
C LEU A 83 -29.21 11.51 -12.47
N GLY A 84 -29.94 10.59 -11.83
CA GLY A 84 -29.79 10.36 -10.42
C GLY A 84 -30.62 11.24 -9.51
N VAL A 85 -31.65 11.89 -10.04
CA VAL A 85 -32.48 12.78 -9.23
C VAL A 85 -33.92 12.34 -9.09
N SER A 86 -34.23 11.10 -9.50
CA SER A 86 -35.61 10.63 -9.42
C SER A 86 -36.13 10.58 -7.97
N TYR A 87 -35.22 10.51 -7.01
CA TYR A 87 -35.62 10.45 -5.61
C TYR A 87 -36.41 11.70 -5.14
N HIS A 88 -36.29 12.80 -5.88
CA HIS A 88 -37.06 14.00 -5.57
C HIS A 88 -38.50 13.89 -6.05
N PHE A 89 -38.77 12.95 -6.95
CA PHE A 89 -40.03 12.96 -7.71
C PHE A 89 -40.71 11.61 -7.74
N THR A 90 -40.67 10.88 -6.64
CA THR A 90 -41.16 9.51 -6.58
C THR A 90 -42.64 9.35 -6.93
N LYS A 91 -43.49 10.15 -6.29
CA LYS A 91 -44.93 10.06 -6.53
C LYS A 91 -45.32 10.52 -7.94
N GLU A 92 -44.65 11.55 -8.44
CA GLU A 92 -44.92 12.08 -9.78
C GLU A 92 -44.53 11.08 -10.88
N ILE A 93 -43.37 10.47 -10.73
CA ILE A 93 -42.95 9.44 -11.66
C ILE A 93 -43.91 8.26 -11.60
N GLU A 94 -44.28 7.88 -10.38
CA GLU A 94 -45.18 6.75 -10.19
C GLU A 94 -46.55 7.01 -10.84
N ASP A 95 -47.14 8.15 -10.54
CA ASP A 95 -48.42 8.54 -11.15
C ASP A 95 -48.40 8.43 -12.68
N GLU A 96 -47.29 8.83 -13.29
CA GLU A 96 -47.17 8.85 -14.73
C GLU A 96 -47.04 7.42 -15.28
N LEU A 97 -46.29 6.58 -14.57
CA LEU A 97 -46.11 5.20 -15.00
C LEU A 97 -47.41 4.41 -14.85
N GLU A 98 -48.22 4.76 -13.86
CA GLU A 98 -49.50 4.09 -13.71
C GLU A 98 -50.44 4.42 -14.87
N ASN A 99 -50.48 5.69 -15.28
CA ASN A 99 -51.28 6.08 -16.45
C ASN A 99 -50.89 5.30 -17.69
N ILE A 100 -49.59 5.21 -17.92
CA ILE A 100 -49.02 4.51 -19.07
C ILE A 100 -49.24 2.99 -19.04
N TYR A 101 -49.47 2.44 -17.86
CA TYR A 101 -49.74 1.02 -17.74
C TYR A 101 -51.16 0.70 -18.19
N HIS A 102 -52.12 1.41 -17.62
CA HIS A 102 -53.54 1.16 -17.90
C HIS A 102 -53.99 1.73 -19.23
N ASN A 103 -53.18 2.62 -19.79
CA ASN A 103 -53.56 3.29 -21.02
C ASN A 103 -52.50 3.11 -22.09
N ASN A 104 -52.66 2.05 -22.87
CA ASN A 104 -51.69 1.74 -23.91
C ASN A 104 -52.28 0.95 -25.08
N ASN A 105 -51.87 1.34 -26.29
CA ASN A 105 -52.19 0.59 -27.49
C ASN A 105 -50.93 -0.13 -27.95
N ASP A 106 -50.80 -1.38 -27.55
CA ASP A 106 -49.61 -2.17 -27.87
C ASP A 106 -49.54 -2.46 -29.36
N ALA A 107 -50.64 -2.29 -30.06
CA ALA A 107 -50.72 -2.56 -31.49
C ALA A 107 -50.91 -1.30 -32.35
N GLU A 108 -49.83 -0.54 -32.50
CA GLU A 108 -48.58 -0.91 -31.90
C GLU A 108 -47.67 0.26 -31.58
N ASN A 109 -46.60 -0.05 -30.86
CA ASN A 109 -45.54 0.90 -30.58
C ASN A 109 -44.27 0.45 -31.30
N ASP A 110 -43.30 1.34 -31.40
CA ASP A 110 -41.97 0.99 -31.89
C ASP A 110 -41.45 -0.26 -31.20
N LEU A 111 -40.27 -0.72 -31.63
CA LEU A 111 -39.49 -1.61 -30.78
C LEU A 111 -38.98 -0.77 -29.61
N TYR A 112 -38.53 0.44 -29.92
CA TYR A 112 -38.04 1.38 -28.93
C TYR A 112 -39.10 1.64 -27.85
N THR A 113 -40.27 2.10 -28.27
CA THR A 113 -41.35 2.39 -27.34
C THR A 113 -41.79 1.16 -26.53
N THR A 114 -41.91 0.01 -27.18
CA THR A 114 -42.32 -1.22 -26.48
C THR A 114 -41.32 -1.58 -25.38
N SER A 115 -40.04 -1.50 -25.72
CA SER A 115 -38.95 -1.91 -24.85
C SER A 115 -38.80 -1.00 -23.63
N ILE A 116 -38.76 0.31 -23.86
CA ILE A 116 -38.58 1.25 -22.77
C ILE A 116 -39.80 1.24 -21.85
N ARG A 117 -40.97 1.00 -22.42
CA ARG A 117 -42.19 0.93 -21.61
C ARG A 117 -42.14 -0.30 -20.71
N PHE A 118 -41.74 -1.42 -21.31
CA PHE A 118 -41.58 -2.67 -20.56
C PHE A 118 -40.55 -2.49 -19.44
N ARG A 119 -39.42 -1.88 -19.77
CA ARG A 119 -38.32 -1.73 -18.81
C ARG A 119 -38.74 -0.90 -17.60
N LEU A 120 -39.23 0.31 -17.85
CA LEU A 120 -39.60 1.20 -16.77
C LEU A 120 -40.74 0.66 -15.93
N LEU A 121 -41.79 0.14 -16.58
CA LEU A 121 -42.95 -0.38 -15.86
C LEU A 121 -42.59 -1.59 -15.00
N ARG A 122 -41.77 -2.49 -15.54
CA ARG A 122 -41.38 -3.70 -14.82
C ARG A 122 -40.43 -3.36 -13.67
N GLU A 123 -39.55 -2.39 -13.89
CA GLU A 123 -38.69 -1.90 -12.83
C GLU A 123 -39.54 -1.45 -11.65
N HIS A 124 -40.65 -0.79 -11.97
CA HIS A 124 -41.55 -0.24 -10.95
C HIS A 124 -42.66 -1.20 -10.53
N GLY A 125 -42.58 -2.45 -10.98
CA GLY A 125 -43.41 -3.50 -10.42
C GLY A 125 -44.64 -3.92 -11.20
N TYR A 126 -44.93 -3.25 -12.32
CA TYR A 126 -46.11 -3.57 -13.11
C TYR A 126 -45.91 -4.87 -13.91
N ASN A 127 -46.93 -5.73 -13.88
CA ASN A 127 -46.83 -7.04 -14.51
C ASN A 127 -47.09 -7.03 -16.01
N VAL A 128 -46.19 -6.40 -16.75
CA VAL A 128 -46.23 -6.39 -18.21
C VAL A 128 -45.71 -7.72 -18.74
N SER A 129 -46.48 -8.36 -19.61
CA SER A 129 -46.08 -9.63 -20.20
C SER A 129 -45.00 -9.40 -21.26
N CYS A 130 -44.07 -10.35 -21.34
CA CYS A 130 -43.03 -10.31 -22.36
C CYS A 130 -43.63 -10.53 -23.75
N ASP A 131 -44.94 -10.79 -23.80
CA ASP A 131 -45.61 -11.05 -25.06
C ASP A 131 -45.61 -9.81 -25.96
N VAL A 132 -45.42 -8.65 -25.35
CA VAL A 132 -45.40 -7.39 -26.09
C VAL A 132 -44.25 -7.39 -27.08
N PHE A 133 -43.40 -8.40 -26.99
CA PHE A 133 -42.29 -8.55 -27.93
C PHE A 133 -42.56 -9.57 -29.03
N ASN A 134 -43.73 -10.21 -28.98
CA ASN A 134 -44.06 -11.24 -29.96
C ASN A 134 -44.21 -10.69 -31.38
N LYS A 135 -44.90 -9.57 -31.50
CA LYS A 135 -45.08 -8.88 -32.77
C LYS A 135 -43.77 -8.63 -33.52
N PHE A 136 -42.63 -8.73 -32.84
CA PHE A 136 -41.35 -8.46 -33.47
C PHE A 136 -40.65 -9.71 -34.00
N LYS A 137 -41.33 -10.86 -33.92
CA LYS A 137 -40.81 -12.11 -34.46
C LYS A 137 -41.54 -12.56 -35.72
N ASP A 138 -40.79 -12.99 -36.74
CA ASP A 138 -41.38 -13.54 -37.95
C ASP A 138 -42.00 -14.90 -37.70
N GLU A 139 -42.88 -15.35 -38.60
CA GLU A 139 -43.54 -16.63 -38.48
C GLU A 139 -42.56 -17.76 -38.18
N GLN A 140 -41.36 -17.65 -38.74
CA GLN A 140 -40.31 -18.65 -38.57
C GLN A 140 -39.84 -18.73 -37.12
N GLY A 141 -40.06 -17.66 -36.36
CA GLY A 141 -39.67 -17.61 -34.96
C GLY A 141 -38.43 -16.78 -34.74
N ASN A 142 -37.97 -16.11 -35.79
CA ASN A 142 -36.78 -15.27 -35.70
C ASN A 142 -37.14 -13.78 -35.62
N PHE A 143 -36.24 -13.00 -35.05
CA PHE A 143 -36.45 -11.55 -35.02
C PHE A 143 -36.44 -11.00 -36.43
N LYS A 144 -37.49 -10.26 -36.79
CA LYS A 144 -37.60 -9.65 -38.11
C LYS A 144 -36.32 -8.94 -38.51
N SER A 145 -36.13 -8.77 -39.81
CA SER A 145 -34.91 -8.15 -40.34
C SER A 145 -34.90 -6.65 -40.09
N SER A 146 -36.09 -6.06 -40.08
CA SER A 146 -36.23 -4.64 -39.80
C SER A 146 -35.57 -4.30 -38.46
N VAL A 147 -35.75 -5.19 -37.49
CA VAL A 147 -35.21 -5.04 -36.15
C VAL A 147 -33.71 -4.76 -36.12
N THR A 148 -32.96 -5.49 -36.94
CA THR A 148 -31.50 -5.41 -36.91
C THR A 148 -30.99 -4.04 -37.39
N SER A 149 -31.85 -3.31 -38.08
CA SER A 149 -31.48 -2.01 -38.65
C SER A 149 -31.75 -0.89 -37.65
N ASP A 150 -32.51 -1.22 -36.61
CA ASP A 150 -32.94 -0.23 -35.63
C ASP A 150 -32.04 -0.25 -34.41
N VAL A 151 -30.94 0.50 -34.46
CA VAL A 151 -29.97 0.50 -33.37
C VAL A 151 -30.63 0.99 -32.08
N ARG A 152 -31.33 2.12 -32.18
CA ARG A 152 -32.04 2.68 -31.02
C ARG A 152 -32.98 1.65 -30.41
N GLY A 153 -33.77 1.01 -31.26
CA GLY A 153 -34.68 -0.02 -30.82
C GLY A 153 -33.94 -1.18 -30.20
N LEU A 154 -32.81 -1.55 -30.80
CA LEU A 154 -32.00 -2.66 -30.32
C LEU A 154 -31.43 -2.35 -28.94
N LEU A 155 -31.07 -1.10 -28.71
CA LEU A 155 -30.52 -0.67 -27.42
C LEU A 155 -31.58 -0.80 -26.32
N GLU A 156 -32.78 -0.29 -26.57
CA GLU A 156 -33.84 -0.38 -25.58
C GLU A 156 -34.24 -1.82 -25.31
N LEU A 157 -34.25 -2.65 -26.36
CA LEU A 157 -34.54 -4.07 -26.20
C LEU A 157 -33.48 -4.75 -25.33
N TYR A 158 -32.21 -4.42 -25.58
CA TYR A 158 -31.11 -4.93 -24.79
C TYR A 158 -31.28 -4.55 -23.31
N GLN A 159 -31.59 -3.28 -23.02
CA GLN A 159 -31.78 -2.83 -21.65
C GLN A 159 -32.99 -3.50 -21.00
N ALA A 160 -34.07 -3.63 -21.76
CA ALA A 160 -35.30 -4.21 -21.22
C ALA A 160 -35.13 -5.69 -20.87
N SER A 161 -34.22 -6.36 -21.57
CA SER A 161 -34.01 -7.78 -21.34
C SER A 161 -33.37 -8.04 -19.98
N TYR A 162 -32.70 -7.04 -19.43
CA TYR A 162 -32.16 -7.17 -18.07
C TYR A 162 -33.27 -7.11 -17.01
N LEU A 163 -34.50 -6.93 -17.45
CA LEU A 163 -35.61 -6.97 -16.52
C LEU A 163 -36.42 -8.27 -16.56
N ARG A 164 -35.95 -9.23 -17.35
CA ARG A 164 -36.65 -10.50 -17.51
C ARG A 164 -36.65 -11.34 -16.23
N VAL A 165 -37.72 -12.10 -16.03
CA VAL A 165 -37.78 -13.10 -14.96
C VAL A 165 -37.80 -14.49 -15.59
N HIS A 166 -38.16 -15.51 -14.81
CA HIS A 166 -38.20 -16.87 -15.33
C HIS A 166 -39.35 -17.09 -16.30
N GLY A 167 -39.11 -17.91 -17.31
CA GLY A 167 -40.16 -18.32 -18.24
C GLY A 167 -40.45 -17.28 -19.31
N GLU A 168 -39.44 -16.49 -19.65
CA GLU A 168 -39.58 -15.45 -20.64
C GLU A 168 -38.51 -15.62 -21.71
N ASP A 169 -38.58 -16.73 -22.44
CA ASP A 169 -37.51 -17.11 -23.35
C ASP A 169 -37.27 -16.11 -24.49
N ILE A 170 -38.31 -15.38 -24.86
CA ILE A 170 -38.15 -14.34 -25.87
C ILE A 170 -37.10 -13.31 -25.45
N LEU A 171 -37.02 -13.03 -24.15
CA LEU A 171 -36.00 -12.10 -23.64
C LEU A 171 -34.67 -12.80 -23.40
N ASP A 172 -34.73 -14.10 -23.11
CA ASP A 172 -33.52 -14.92 -23.07
C ASP A 172 -32.81 -14.86 -24.42
N GLU A 173 -33.62 -14.83 -25.49
CA GLU A 173 -33.08 -14.70 -26.83
C GLU A 173 -32.63 -13.26 -27.08
N ALA A 174 -33.47 -12.30 -26.69
CA ALA A 174 -33.19 -10.90 -26.96
C ALA A 174 -31.84 -10.45 -26.43
N ILE A 175 -31.45 -10.94 -25.26
CA ILE A 175 -30.15 -10.55 -24.68
C ILE A 175 -28.98 -11.00 -25.55
N SER A 176 -29.07 -12.21 -26.10
CA SER A 176 -28.05 -12.73 -27.01
C SER A 176 -28.13 -12.02 -28.37
N PHE A 177 -29.34 -11.98 -28.93
CA PHE A 177 -29.59 -11.31 -30.20
C PHE A 177 -29.00 -9.90 -30.20
N THR A 178 -29.46 -9.07 -29.26
CA THR A 178 -29.09 -7.66 -29.24
C THR A 178 -27.60 -7.45 -28.96
N THR A 179 -27.03 -8.23 -28.05
CA THR A 179 -25.61 -8.11 -27.74
C THR A 179 -24.80 -8.23 -29.01
N HIS A 180 -25.26 -9.10 -29.91
CA HIS A 180 -24.55 -9.39 -31.14
C HIS A 180 -24.60 -8.23 -32.12
N HIS A 181 -25.81 -7.84 -32.51
CA HIS A 181 -25.97 -6.79 -33.51
C HIS A 181 -25.52 -5.42 -33.03
N LEU A 182 -25.61 -5.17 -31.72
CA LEU A 182 -25.15 -3.90 -31.16
C LEU A 182 -23.63 -3.79 -31.25
N SER A 183 -22.94 -4.91 -31.04
CA SER A 183 -21.48 -4.94 -31.14
C SER A 183 -21.01 -4.58 -32.56
N LEU A 184 -21.68 -5.16 -33.56
CA LEU A 184 -21.31 -4.95 -34.95
C LEU A 184 -21.62 -3.53 -35.42
N ALA A 185 -22.62 -2.91 -34.81
CA ALA A 185 -23.08 -1.60 -35.25
C ALA A 185 -22.30 -0.44 -34.64
N VAL A 186 -21.46 -0.75 -33.66
CA VAL A 186 -20.74 0.29 -32.93
C VAL A 186 -19.87 1.16 -33.83
N ALA A 187 -19.00 0.52 -34.61
CA ALA A 187 -18.04 1.22 -35.45
C ALA A 187 -18.66 2.33 -36.29
N SER A 188 -19.86 2.09 -36.81
CA SER A 188 -20.48 3.00 -37.75
C SER A 188 -21.45 4.00 -37.11
N LEU A 189 -21.45 4.06 -35.78
CA LEU A 189 -22.39 4.91 -35.06
C LEU A 189 -21.81 6.28 -34.71
N ASP A 190 -22.69 7.26 -34.60
CA ASP A 190 -22.28 8.63 -34.26
C ASP A 190 -22.58 8.98 -32.81
N HIS A 191 -21.70 9.79 -32.23
CA HIS A 191 -21.84 10.26 -30.86
C HIS A 191 -23.10 11.10 -30.72
N PRO A 192 -23.81 10.96 -29.58
CA PRO A 192 -23.46 10.13 -28.41
C PRO A 192 -23.99 8.70 -28.47
N LEU A 193 -24.82 8.38 -29.45
CA LEU A 193 -25.44 7.05 -29.51
C LEU A 193 -24.39 5.94 -29.47
N SER A 194 -23.25 6.19 -30.12
CA SER A 194 -22.15 5.24 -30.12
C SER A 194 -21.71 4.96 -28.69
N GLU A 195 -21.44 6.04 -27.95
CA GLU A 195 -20.98 5.94 -26.57
C GLU A 195 -22.00 5.20 -25.72
N GLU A 196 -23.27 5.56 -25.85
CA GLU A 196 -24.32 4.93 -25.08
C GLU A 196 -24.31 3.42 -25.30
N VAL A 197 -24.19 3.01 -26.56
CA VAL A 197 -24.17 1.60 -26.92
C VAL A 197 -22.99 0.84 -26.31
N SER A 198 -21.78 1.35 -26.52
CA SER A 198 -20.60 0.65 -26.01
C SER A 198 -20.65 0.53 -24.48
N HIS A 199 -21.13 1.58 -23.82
CA HIS A 199 -21.26 1.57 -22.36
C HIS A 199 -22.29 0.54 -21.91
N ALA A 200 -23.45 0.53 -22.57
CA ALA A 200 -24.48 -0.47 -22.30
C ALA A 200 -23.90 -1.87 -22.34
N LEU A 201 -23.11 -2.14 -23.39
CA LEU A 201 -22.51 -3.46 -23.55
C LEU A 201 -21.65 -3.84 -22.36
N LYS A 202 -21.02 -2.85 -21.74
CA LYS A 202 -20.18 -3.10 -20.56
C LYS A 202 -20.98 -3.08 -19.25
N GLN A 203 -22.06 -2.30 -19.23
CA GLN A 203 -22.81 -2.09 -18.00
C GLN A 203 -24.26 -1.72 -18.29
N SER A 204 -25.17 -2.61 -17.96
CA SER A 204 -26.60 -2.36 -18.13
C SER A 204 -27.08 -1.34 -17.11
N ILE A 205 -28.19 -0.68 -17.42
CA ILE A 205 -28.82 0.23 -16.49
C ILE A 205 -29.33 -0.51 -15.25
N ARG A 206 -30.02 -1.64 -15.44
CA ARG A 206 -30.62 -2.38 -14.32
C ARG A 206 -29.60 -2.83 -13.25
N ARG A 207 -28.39 -3.17 -13.68
CA ARG A 207 -27.41 -3.74 -12.77
C ARG A 207 -26.35 -2.74 -12.33
N GLY A 208 -26.42 -1.52 -12.85
CA GLY A 208 -25.49 -0.49 -12.48
C GLY A 208 -25.87 0.18 -11.17
N LEU A 209 -24.88 0.68 -10.44
CA LEU A 209 -25.14 1.51 -9.27
C LEU A 209 -25.65 2.86 -9.73
N PRO A 210 -26.79 3.31 -9.18
CA PRO A 210 -27.49 4.53 -9.60
C PRO A 210 -26.55 5.72 -9.72
N ARG A 211 -25.71 5.91 -8.72
CA ARG A 211 -24.86 7.09 -8.68
C ARG A 211 -23.65 7.00 -9.60
N VAL A 212 -23.12 5.78 -9.81
CA VAL A 212 -22.00 5.61 -10.73
C VAL A 212 -22.49 5.81 -12.16
N GLU A 213 -23.64 5.24 -12.47
CA GLU A 213 -24.26 5.46 -13.77
C GLU A 213 -24.70 6.92 -13.97
N ALA A 214 -25.16 7.56 -12.89
CA ALA A 214 -25.59 8.95 -12.98
C ALA A 214 -24.45 9.85 -13.41
N ARG A 215 -23.30 9.73 -12.74
CA ARG A 215 -22.13 10.53 -13.10
C ARG A 215 -21.78 10.37 -14.58
N HIS A 216 -21.75 9.13 -15.06
CA HIS A 216 -21.48 8.87 -16.47
C HIS A 216 -22.55 9.47 -17.37
N TYR A 217 -23.81 9.26 -17.03
CA TYR A 217 -24.89 9.73 -17.88
C TYR A 217 -24.94 11.25 -17.93
N LEU A 218 -24.43 11.91 -16.89
CA LEU A 218 -24.36 13.36 -16.85
C LEU A 218 -23.46 13.91 -17.95
N SER A 219 -22.54 13.08 -18.43
CA SER A 219 -21.67 13.47 -19.55
C SER A 219 -22.37 13.32 -20.89
N VAL A 220 -22.84 12.12 -21.18
CA VAL A 220 -23.48 11.85 -22.46
C VAL A 220 -24.73 12.71 -22.65
N TYR A 221 -25.45 12.97 -21.57
CA TYR A 221 -26.71 13.70 -21.66
C TYR A 221 -26.53 15.09 -22.26
N GLN A 222 -25.46 15.78 -21.90
CA GLN A 222 -25.22 17.13 -22.38
C GLN A 222 -25.08 17.19 -23.89
N ASP A 223 -24.43 16.18 -24.45
CA ASP A 223 -24.53 15.95 -25.86
C ASP A 223 -26.00 15.64 -26.07
N ILE A 224 -26.36 14.71 -26.94
CA ILE A 224 -27.79 14.51 -27.19
C ILE A 224 -28.44 15.88 -27.37
N GLU A 225 -28.33 16.46 -28.55
CA GLU A 225 -29.07 17.68 -28.83
C GLU A 225 -30.55 17.38 -28.59
N SER A 226 -31.25 18.33 -27.96
CA SER A 226 -32.65 18.16 -27.53
C SER A 226 -32.77 17.69 -26.06
N HIS A 227 -31.63 17.48 -25.40
CA HIS A 227 -31.65 17.18 -23.97
C HIS A 227 -32.24 18.36 -23.21
N ASN A 228 -33.02 18.08 -22.16
CA ASN A 228 -33.60 19.16 -21.37
C ASN A 228 -32.56 19.94 -20.57
N LYS A 229 -32.46 21.24 -20.84
CA LYS A 229 -31.44 22.10 -20.27
C LYS A 229 -31.57 22.20 -18.75
N ALA A 230 -32.79 22.48 -18.30
CA ALA A 230 -33.07 22.63 -16.89
C ALA A 230 -32.81 21.34 -16.09
N LEU A 231 -33.26 20.21 -16.64
CA LEU A 231 -32.99 18.92 -16.02
C LEU A 231 -31.50 18.75 -15.80
N LEU A 232 -30.71 18.99 -16.85
CA LEU A 232 -29.26 18.76 -16.78
C LEU A 232 -28.57 19.65 -15.75
N GLU A 233 -28.98 20.92 -15.67
CA GLU A 233 -28.46 21.85 -14.67
C GLU A 233 -28.85 21.44 -13.25
N PHE A 234 -30.12 21.05 -13.06
CA PHE A 234 -30.58 20.62 -11.75
C PHE A 234 -29.78 19.40 -11.29
N ALA A 235 -29.58 18.45 -12.20
CA ALA A 235 -28.84 17.22 -11.87
C ALA A 235 -27.39 17.51 -11.47
N LYS A 236 -26.71 18.38 -12.20
CA LYS A 236 -25.34 18.75 -11.86
C LYS A 236 -25.26 19.36 -10.47
N ILE A 237 -26.12 20.34 -10.21
CA ILE A 237 -26.14 21.00 -8.91
C ILE A 237 -26.47 20.00 -7.81
N ASP A 238 -27.46 19.15 -8.07
CA ASP A 238 -27.84 18.14 -7.09
C ASP A 238 -26.65 17.24 -6.79
N PHE A 239 -25.96 16.80 -7.84
CA PHE A 239 -24.83 15.90 -7.66
C PHE A 239 -23.78 16.49 -6.72
N ASN A 240 -23.49 17.79 -6.89
CA ASN A 240 -22.48 18.45 -6.08
C ASN A 240 -22.93 18.62 -4.63
N MET A 241 -24.22 18.89 -4.43
CA MET A 241 -24.77 19.01 -3.09
C MET A 241 -24.63 17.67 -2.35
N LEU A 242 -24.96 16.58 -3.04
CA LEU A 242 -24.87 15.25 -2.43
C LEU A 242 -23.42 14.88 -2.15
N GLN A 243 -22.54 15.19 -3.09
CA GLN A 243 -21.11 14.96 -2.90
C GLN A 243 -20.64 15.63 -1.61
N PHE A 244 -21.05 16.88 -1.43
CA PHE A 244 -20.68 17.64 -0.25
C PHE A 244 -21.15 16.92 1.02
N LEU A 245 -22.39 16.46 1.01
CA LEU A 245 -22.94 15.71 2.15
C LEU A 245 -22.12 14.45 2.42
N HIS A 246 -21.79 13.72 1.36
CA HIS A 246 -21.07 12.47 1.48
C HIS A 246 -19.66 12.70 2.03
N ARG A 247 -19.02 13.76 1.55
CA ARG A 247 -17.67 14.11 2.02
C ARG A 247 -17.67 14.47 3.51
N LYS A 248 -18.72 15.16 3.96
CA LYS A 248 -18.88 15.42 5.38
C LYS A 248 -19.00 14.12 6.18
N GLU A 249 -19.85 13.22 5.71
CA GLU A 249 -20.07 11.93 6.36
C GLU A 249 -18.78 11.13 6.46
N LEU A 250 -18.04 11.10 5.35
CA LEU A 250 -16.83 10.28 5.27
C LEU A 250 -15.74 10.85 6.16
N SER A 251 -15.72 12.18 6.28
CA SER A 251 -14.79 12.85 7.18
C SER A 251 -14.99 12.41 8.63
N GLU A 252 -16.24 12.39 9.08
CA GLU A 252 -16.54 11.97 10.46
C GLU A 252 -16.14 10.51 10.71
N ILE A 253 -16.41 9.65 9.74
CA ILE A 253 -16.03 8.25 9.82
C ILE A 253 -14.51 8.09 9.87
N CYS A 254 -13.81 8.83 9.01
CA CYS A 254 -12.35 8.78 8.96
C CYS A 254 -11.75 9.19 10.28
N ARG A 255 -12.30 10.24 10.89
CA ARG A 255 -11.86 10.67 12.21
C ARG A 255 -12.12 9.57 13.25
N TRP A 256 -13.30 8.96 13.18
CA TRP A 256 -13.63 7.82 14.04
C TRP A 256 -12.60 6.71 13.89
N TRP A 257 -12.26 6.39 12.65
CA TRP A 257 -11.33 5.31 12.34
C TRP A 257 -9.91 5.69 12.75
N LYS A 258 -9.59 6.96 12.58
CA LYS A 258 -8.26 7.46 12.92
C LYS A 258 -8.01 7.24 14.40
N ASP A 259 -9.04 7.47 15.21
CA ASP A 259 -8.91 7.32 16.66
C ASP A 259 -8.80 5.87 17.13
N LEU A 260 -9.35 4.92 16.36
CA LEU A 260 -9.19 3.51 16.68
C LEU A 260 -7.71 3.14 16.68
N ASP A 261 -6.97 3.77 15.79
CA ASP A 261 -5.52 3.59 15.70
C ASP A 261 -5.12 2.13 15.48
N PHE A 262 -5.94 1.42 14.70
CA PHE A 262 -5.64 0.05 14.32
C PHE A 262 -4.31 -0.04 13.59
N GLN A 263 -3.86 1.10 13.04
CA GLN A 263 -2.62 1.14 12.28
C GLN A 263 -1.43 0.66 13.10
N ARG A 264 -1.35 1.04 14.36
CA ARG A 264 -0.28 0.53 15.22
C ARG A 264 -0.74 -0.65 16.07
N LYS A 265 -2.03 -0.66 16.42
CA LYS A 265 -2.55 -1.69 17.30
C LYS A 265 -2.84 -3.02 16.58
N LEU A 266 -3.14 -2.96 15.29
CA LEU A 266 -3.46 -4.15 14.50
C LEU A 266 -2.58 -4.31 13.28
N PRO A 267 -1.45 -5.00 13.44
CA PRO A 267 -0.46 -5.26 12.38
C PRO A 267 -1.05 -5.95 11.15
N TYR A 268 -2.03 -6.82 11.36
CA TYR A 268 -2.50 -7.70 10.29
C TYR A 268 -3.63 -7.11 9.44
N ALA A 269 -4.26 -6.06 9.93
CA ALA A 269 -5.47 -5.55 9.28
C ALA A 269 -5.17 -4.62 8.09
N ARG A 270 -6.13 -4.54 7.18
CA ARG A 270 -6.06 -3.58 6.07
C ARG A 270 -6.95 -2.38 6.36
N ASP A 271 -6.66 -1.26 5.74
CA ASP A 271 -7.54 -0.10 5.83
C ASP A 271 -8.41 -0.02 4.59
N ARG A 272 -9.69 -0.29 4.76
CA ARG A 272 -10.64 -0.26 3.65
C ARG A 272 -11.87 0.59 3.99
N VAL A 273 -11.68 1.61 4.83
CA VAL A 273 -12.79 2.46 5.25
C VAL A 273 -13.44 3.16 4.06
N VAL A 274 -12.62 3.77 3.23
CA VAL A 274 -13.11 4.53 2.08
C VAL A 274 -13.82 3.60 1.11
N GLU A 275 -13.20 2.46 0.83
CA GLU A 275 -13.79 1.45 -0.03
C GLU A 275 -15.10 0.94 0.58
N GLY A 276 -15.10 0.72 1.90
CA GLY A 276 -16.31 0.38 2.61
C GLY A 276 -17.38 1.44 2.44
N TYR A 277 -17.01 2.69 2.70
CA TYR A 277 -17.96 3.78 2.56
C TYR A 277 -18.56 3.78 1.16
N PHE A 278 -17.70 3.60 0.17
CA PHE A 278 -18.16 3.56 -1.21
C PHE A 278 -19.18 2.45 -1.49
N TRP A 279 -18.93 1.24 -0.96
CA TRP A 279 -19.91 0.16 -1.04
C TRP A 279 -21.24 0.61 -0.42
N ILE A 280 -21.16 1.19 0.77
CA ILE A 280 -22.32 1.58 1.55
C ILE A 280 -23.15 2.69 0.89
N SER A 281 -22.48 3.62 0.22
CA SER A 281 -23.15 4.67 -0.51
C SER A 281 -23.84 4.06 -1.73
N GLY A 282 -23.39 2.87 -2.12
CA GLY A 282 -24.08 2.06 -3.11
C GLY A 282 -25.39 1.50 -2.55
N VAL A 283 -25.37 1.08 -1.29
CA VAL A 283 -26.62 0.62 -0.66
C VAL A 283 -27.65 1.76 -0.61
N TYR A 284 -27.19 2.96 -0.24
CA TYR A 284 -28.01 4.15 -0.45
C TYR A 284 -27.21 5.43 -0.46
N PHE A 285 -27.53 6.29 -1.42
CA PHE A 285 -26.82 7.55 -1.59
C PHE A 285 -27.66 8.74 -1.12
N GLU A 286 -28.97 8.55 -1.04
CA GLU A 286 -29.88 9.67 -0.79
C GLU A 286 -29.61 10.37 0.54
N PRO A 287 -29.87 11.68 0.60
CA PRO A 287 -29.73 12.50 1.81
C PRO A 287 -30.44 11.92 3.04
N GLN A 288 -31.65 11.39 2.88
CA GLN A 288 -32.42 10.86 4.01
C GLN A 288 -31.75 9.64 4.67
N TYR A 289 -30.78 9.05 3.98
CA TYR A 289 -30.13 7.86 4.50
C TYR A 289 -28.75 8.14 5.08
N SER A 290 -28.53 9.39 5.50
CA SER A 290 -27.25 9.81 6.06
C SER A 290 -26.83 9.09 7.34
N LEU A 291 -27.73 9.04 8.32
CA LEU A 291 -27.45 8.30 9.55
C LEU A 291 -27.11 6.87 9.17
N GLY A 292 -27.91 6.32 8.25
CA GLY A 292 -27.73 4.95 7.78
C GLY A 292 -26.36 4.66 7.21
N ARG A 293 -25.86 5.55 6.37
CA ARG A 293 -24.55 5.33 5.75
C ARG A 293 -23.48 5.35 6.83
N LYS A 294 -23.69 6.21 7.82
CA LYS A 294 -22.75 6.38 8.91
C LYS A 294 -22.60 5.07 9.71
N MET A 295 -23.71 4.53 10.17
CA MET A 295 -23.71 3.33 10.99
C MET A 295 -23.24 2.13 10.17
N LEU A 296 -23.82 1.98 8.98
CA LEU A 296 -23.46 0.88 8.09
C LEU A 296 -21.98 0.87 7.69
N THR A 297 -21.39 2.06 7.54
CA THR A 297 -19.98 2.16 7.17
C THR A 297 -19.09 1.65 8.29
N LYS A 298 -19.39 2.06 9.52
CA LYS A 298 -18.68 1.56 10.68
C LYS A 298 -18.85 0.06 10.79
N VAL A 299 -20.05 -0.41 10.49
CA VAL A 299 -20.31 -1.85 10.53
C VAL A 299 -19.45 -2.58 9.50
N ILE A 300 -19.43 -2.11 8.26
CA ILE A 300 -18.64 -2.82 7.25
C ILE A 300 -17.14 -2.72 7.53
N ALA A 301 -16.70 -1.59 8.06
CA ALA A 301 -15.29 -1.44 8.45
C ALA A 301 -14.91 -2.47 9.51
N MET A 302 -15.66 -2.51 10.60
CA MET A 302 -15.42 -3.50 11.65
C MET A 302 -15.56 -4.95 11.16
N ALA A 303 -16.48 -5.18 10.23
CA ALA A 303 -16.65 -6.52 9.67
C ALA A 303 -15.40 -6.94 8.90
N SER A 304 -14.74 -5.99 8.25
CA SER A 304 -13.51 -6.27 7.50
C SER A 304 -12.35 -6.53 8.45
N ILE A 305 -12.29 -5.79 9.55
CA ILE A 305 -11.30 -6.08 10.59
C ILE A 305 -11.50 -7.48 11.17
N VAL A 306 -12.75 -7.84 11.48
CA VAL A 306 -13.04 -9.18 11.98
C VAL A 306 -12.60 -10.23 10.98
N ASP A 307 -12.97 -9.99 9.72
CA ASP A 307 -12.61 -10.87 8.63
C ASP A 307 -11.10 -11.06 8.52
N ASP A 308 -10.35 -9.97 8.58
CA ASP A 308 -8.90 -10.01 8.49
C ASP A 308 -8.31 -10.84 9.63
N THR A 309 -8.90 -10.71 10.82
CA THR A 309 -8.43 -11.47 11.97
C THR A 309 -8.57 -12.98 11.73
N TYR A 310 -9.63 -13.39 11.05
CA TYR A 310 -9.81 -14.79 10.71
C TYR A 310 -8.82 -15.24 9.62
N ASP A 311 -8.42 -14.30 8.76
CA ASP A 311 -7.50 -14.57 7.67
C ASP A 311 -6.04 -14.24 8.01
N SER A 312 -5.75 -14.03 9.29
CA SER A 312 -4.41 -13.66 9.70
C SER A 312 -3.59 -14.88 10.11
N TYR A 313 -2.57 -14.65 10.92
CA TYR A 313 -1.74 -15.73 11.42
C TYR A 313 -2.34 -16.30 12.70
N ALA A 314 -3.58 -15.92 12.96
CA ALA A 314 -4.34 -16.49 14.07
C ALA A 314 -4.39 -18.01 13.90
N THR A 315 -4.28 -18.72 15.01
CA THR A 315 -4.45 -20.17 14.98
C THR A 315 -5.89 -20.50 15.30
N TYR A 316 -6.35 -21.67 14.86
CA TYR A 316 -7.69 -22.13 15.16
C TYR A 316 -7.98 -21.95 16.65
N GLU A 317 -7.01 -22.33 17.47
CA GLU A 317 -7.21 -22.36 18.91
C GLU A 317 -7.37 -20.95 19.50
N GLU A 318 -6.96 -19.94 18.75
CA GLU A 318 -7.20 -18.55 19.14
C GLU A 318 -8.52 -18.06 18.57
N LEU A 319 -8.88 -18.60 17.41
CA LEU A 319 -10.08 -18.17 16.72
C LEU A 319 -11.35 -18.64 17.42
N ILE A 320 -11.32 -19.82 18.03
CA ILE A 320 -12.53 -20.28 18.72
C ILE A 320 -12.94 -19.37 19.89
N PRO A 321 -12.01 -19.03 20.80
CA PRO A 321 -12.34 -18.08 21.87
C PRO A 321 -12.83 -16.74 21.31
N TYR A 322 -12.27 -16.34 20.17
CA TYR A 322 -12.68 -15.11 19.51
C TYR A 322 -14.12 -15.20 19.05
N THR A 323 -14.44 -16.28 18.35
CA THR A 323 -15.78 -16.52 17.86
C THR A 323 -16.76 -16.65 19.02
N ASN A 324 -16.33 -17.34 20.06
CA ASN A 324 -17.17 -17.52 21.24
C ASN A 324 -17.49 -16.18 21.93
N ALA A 325 -16.51 -15.29 22.01
CA ALA A 325 -16.73 -13.99 22.61
C ALA A 325 -17.71 -13.19 21.76
N ILE A 326 -17.58 -13.30 20.45
CA ILE A 326 -18.49 -12.61 19.55
C ILE A 326 -19.92 -13.15 19.71
N GLU A 327 -20.06 -14.46 19.82
CA GLU A 327 -21.36 -15.06 20.04
C GLU A 327 -22.02 -14.59 21.34
N ARG A 328 -21.26 -14.57 22.44
CA ARG A 328 -21.80 -14.12 23.74
C ARG A 328 -22.03 -12.61 23.77
N TRP A 329 -21.16 -11.86 23.09
CA TRP A 329 -21.32 -10.43 22.91
C TRP A 329 -21.54 -9.62 24.21
N ASP A 330 -20.46 -9.40 24.96
CA ASP A 330 -20.53 -8.63 26.19
C ASP A 330 -19.11 -8.17 26.52
N ILE A 331 -18.98 -6.96 27.06
CA ILE A 331 -17.66 -6.42 27.38
C ILE A 331 -16.85 -7.34 28.30
N LYS A 332 -17.53 -8.14 29.11
CA LYS A 332 -16.87 -9.10 29.98
C LYS A 332 -16.09 -10.19 29.23
N CYS A 333 -16.43 -10.40 27.96
CA CYS A 333 -15.75 -11.40 27.16
C CYS A 333 -14.38 -10.94 26.70
N ILE A 334 -14.13 -9.64 26.81
CA ILE A 334 -12.88 -9.07 26.34
C ILE A 334 -11.71 -9.68 27.10
N ASP A 335 -11.97 -10.11 28.34
CA ASP A 335 -10.94 -10.74 29.16
C ASP A 335 -10.72 -12.20 28.76
N GLU A 336 -11.62 -12.75 27.95
CA GLU A 336 -11.54 -14.16 27.60
C GLU A 336 -10.84 -14.44 26.27
N ILE A 337 -10.28 -13.40 25.64
CA ILE A 337 -9.67 -13.57 24.32
C ILE A 337 -8.20 -13.16 24.29
N PRO A 338 -7.43 -13.70 23.33
CA PRO A 338 -6.02 -13.33 23.18
C PRO A 338 -5.87 -11.81 23.12
N GLU A 339 -4.84 -11.30 23.80
CA GLU A 339 -4.64 -9.87 23.97
C GLU A 339 -4.73 -9.08 22.67
N TYR A 340 -4.13 -9.62 21.62
CA TYR A 340 -4.05 -8.89 20.37
C TYR A 340 -5.40 -8.78 19.64
N MET A 341 -6.41 -9.49 20.14
CA MET A 341 -7.74 -9.42 19.54
C MET A 341 -8.66 -8.44 20.25
N LYS A 342 -8.28 -8.05 21.46
CA LYS A 342 -9.08 -7.15 22.27
C LYS A 342 -9.47 -5.83 21.57
N PRO A 343 -8.52 -5.21 20.86
CA PRO A 343 -8.86 -3.94 20.20
C PRO A 343 -10.01 -4.06 19.20
N SER A 344 -10.08 -5.16 18.44
CA SER A 344 -11.15 -5.28 17.47
C SER A 344 -12.45 -5.59 18.18
N TYR A 345 -12.36 -6.37 19.24
CA TYR A 345 -13.55 -6.78 19.97
C TYR A 345 -14.22 -5.57 20.63
N LYS A 346 -13.42 -4.79 21.34
CA LYS A 346 -13.91 -3.59 22.00
C LYS A 346 -14.50 -2.62 20.97
N ALA A 347 -13.78 -2.38 19.88
CA ALA A 347 -14.29 -1.52 18.83
C ALA A 347 -15.59 -2.06 18.19
N LEU A 348 -15.69 -3.38 18.06
CA LEU A 348 -16.90 -4.00 17.54
C LEU A 348 -18.09 -3.71 18.45
N LEU A 349 -17.98 -4.05 19.73
CA LEU A 349 -19.05 -3.77 20.68
C LEU A 349 -19.44 -2.29 20.66
N ASP A 350 -18.45 -1.41 20.57
CA ASP A 350 -18.71 0.02 20.61
C ASP A 350 -19.57 0.52 19.45
N VAL A 351 -19.32 0.01 18.25
CA VAL A 351 -20.12 0.37 17.10
C VAL A 351 -21.62 0.06 17.29
N TYR A 352 -21.93 -1.13 17.79
CA TYR A 352 -23.34 -1.51 17.97
C TYR A 352 -24.00 -0.83 19.15
N GLU A 353 -23.21 -0.56 20.19
CA GLU A 353 -23.70 0.24 21.30
C GLU A 353 -24.00 1.66 20.83
N GLU A 354 -23.15 2.20 19.95
CA GLU A 354 -23.41 3.55 19.42
C GLU A 354 -24.69 3.57 18.59
N MET A 355 -24.90 2.51 17.81
CA MET A 355 -26.10 2.39 16.99
C MET A 355 -27.34 2.49 17.88
N VAL A 356 -27.31 1.78 19.01
CA VAL A 356 -28.43 1.80 19.93
C VAL A 356 -28.74 3.23 20.42
N GLN A 357 -27.70 3.97 20.81
CA GLN A 357 -27.88 5.36 21.23
C GLN A 357 -28.38 6.30 20.13
N LEU A 358 -27.83 6.15 18.92
CA LEU A 358 -28.16 7.03 17.80
C LEU A 358 -29.60 6.85 17.33
N VAL A 359 -30.17 5.70 17.68
CA VAL A 359 -31.45 5.31 17.12
C VAL A 359 -32.53 5.32 18.22
N ALA A 360 -32.10 5.56 19.45
CA ALA A 360 -32.99 5.66 20.60
C ALA A 360 -33.92 6.87 20.60
N GLU A 361 -33.53 7.94 19.89
CA GLU A 361 -34.38 9.12 19.85
C GLU A 361 -35.71 8.89 19.13
N HIS A 362 -35.84 7.75 18.45
CA HIS A 362 -37.12 7.36 17.88
C HIS A 362 -37.53 5.97 18.33
N GLY A 363 -36.90 5.48 19.39
CA GLY A 363 -37.26 4.22 20.01
C GLY A 363 -37.05 3.03 19.09
N ARG A 364 -36.03 3.11 18.24
CA ARG A 364 -35.82 2.05 17.25
C ARG A 364 -34.67 1.12 17.65
N GLN A 365 -34.40 1.05 18.95
CA GLN A 365 -33.36 0.16 19.48
C GLN A 365 -33.59 -1.31 19.14
N TYR A 366 -34.85 -1.72 19.02
CA TYR A 366 -35.16 -3.12 18.76
C TYR A 366 -34.46 -3.57 17.47
N ARG A 367 -34.24 -2.62 16.55
CA ARG A 367 -33.61 -2.93 15.27
C ARG A 367 -32.17 -3.43 15.37
N VAL A 368 -31.44 -2.97 16.39
CA VAL A 368 -30.00 -3.22 16.48
C VAL A 368 -29.70 -4.69 16.78
N GLU A 369 -30.56 -5.32 17.57
CA GLU A 369 -30.35 -6.71 17.99
C GLU A 369 -30.30 -7.63 16.78
N TYR A 370 -31.11 -7.31 15.77
CA TYR A 370 -31.12 -8.09 14.54
C TYR A 370 -29.83 -7.92 13.76
N ALA A 371 -29.27 -6.72 13.76
CA ALA A 371 -28.03 -6.48 13.02
C ALA A 371 -26.92 -7.21 13.75
N LYS A 372 -26.94 -7.14 15.08
CA LYS A 372 -25.98 -7.87 15.89
C LYS A 372 -26.01 -9.36 15.56
N ASN A 373 -27.21 -9.94 15.51
CA ASN A 373 -27.34 -11.37 15.26
C ASN A 373 -26.82 -11.76 13.88
N ALA A 374 -26.95 -10.86 12.92
CA ALA A 374 -26.43 -11.12 11.59
C ALA A 374 -24.88 -11.12 11.59
N MET A 375 -24.29 -10.21 12.35
CA MET A 375 -22.83 -10.16 12.47
C MET A 375 -22.29 -11.43 13.11
N ILE A 376 -22.97 -11.88 14.16
CA ILE A 376 -22.64 -13.13 14.83
C ILE A 376 -22.67 -14.35 13.88
N ARG A 377 -23.75 -14.48 13.13
CA ARG A 377 -23.85 -15.55 12.14
C ARG A 377 -22.64 -15.52 11.22
N LEU A 378 -22.27 -14.31 10.79
CA LEU A 378 -21.14 -14.09 9.90
C LEU A 378 -19.83 -14.61 10.52
N ALA A 379 -19.59 -14.22 11.78
CA ALA A 379 -18.40 -14.67 12.50
C ALA A 379 -18.36 -16.20 12.65
N GLN A 380 -19.53 -16.81 12.85
CA GLN A 380 -19.62 -18.27 12.90
C GLN A 380 -19.16 -18.90 11.59
N SER A 381 -19.54 -18.29 10.46
CA SER A 381 -19.16 -18.86 9.16
C SER A 381 -17.66 -18.65 8.88
N TYR A 382 -17.09 -17.56 9.40
CA TYR A 382 -15.65 -17.33 9.26
C TYR A 382 -14.85 -18.42 9.98
N LEU A 383 -15.36 -18.85 11.13
CA LEU A 383 -14.70 -19.86 11.94
C LEU A 383 -14.55 -21.13 11.12
N VAL A 384 -15.63 -21.53 10.44
CA VAL A 384 -15.61 -22.77 9.70
C VAL A 384 -14.67 -22.66 8.52
N GLU A 385 -14.77 -21.55 7.79
CA GLU A 385 -13.89 -21.33 6.66
C GLU A 385 -12.42 -21.38 7.08
N ALA A 386 -12.09 -20.70 8.20
CA ALA A 386 -10.72 -20.69 8.70
C ALA A 386 -10.22 -22.08 9.05
N LYS A 387 -11.06 -22.88 9.71
CA LYS A 387 -10.67 -24.22 10.09
C LYS A 387 -10.30 -25.06 8.87
N TRP A 388 -11.07 -24.89 7.80
CA TRP A 388 -10.83 -25.65 6.58
C TRP A 388 -9.49 -25.33 5.96
N THR A 389 -9.14 -24.05 5.87
CA THR A 389 -7.86 -23.66 5.30
C THR A 389 -6.71 -24.09 6.21
N LEU A 390 -6.85 -23.83 7.50
CA LEU A 390 -5.82 -24.16 8.49
C LEU A 390 -5.52 -25.65 8.61
N GLN A 391 -6.57 -26.46 8.67
CA GLN A 391 -6.39 -27.90 8.84
C GLN A 391 -6.39 -28.61 7.49
N ASN A 392 -6.29 -27.80 6.43
CA ASN A 392 -6.38 -28.30 5.06
C ASN A 392 -7.37 -29.46 4.92
N TYR A 393 -8.64 -29.13 5.09
CA TYR A 393 -9.71 -30.12 5.11
C TYR A 393 -10.56 -30.02 3.84
N LYS A 394 -10.41 -31.00 2.95
CA LYS A 394 -11.22 -31.03 1.75
C LYS A 394 -12.60 -31.58 2.08
N PRO A 395 -13.62 -30.71 2.03
CA PRO A 395 -14.99 -31.09 2.39
C PRO A 395 -15.62 -31.93 1.30
N SER A 396 -16.74 -32.57 1.59
CA SER A 396 -17.53 -33.18 0.54
C SER A 396 -18.18 -32.02 -0.20
N PHE A 397 -18.97 -32.32 -1.22
CA PHE A 397 -19.60 -31.27 -1.99
C PHE A 397 -20.64 -30.51 -1.19
N GLU A 398 -21.58 -31.22 -0.57
CA GLU A 398 -22.64 -30.53 0.16
C GLU A 398 -22.25 -30.05 1.56
N GLU A 399 -21.07 -30.44 2.01
CA GLU A 399 -20.49 -29.86 3.21
C GLU A 399 -20.07 -28.43 2.84
N PHE A 400 -19.39 -28.32 1.71
CA PHE A 400 -18.98 -27.04 1.16
C PHE A 400 -20.23 -26.23 0.80
N LYS A 401 -21.19 -26.91 0.17
CA LYS A 401 -22.43 -26.31 -0.26
C LYS A 401 -23.22 -25.72 0.92
N ALA A 402 -23.22 -26.42 2.07
CA ALA A 402 -23.98 -25.99 3.23
C ALA A 402 -23.35 -24.82 3.99
N ASN A 403 -22.05 -24.58 3.78
CA ASN A 403 -21.34 -23.54 4.54
C ASN A 403 -20.92 -22.31 3.72
N ALA A 404 -21.08 -22.37 2.41
CA ALA A 404 -20.53 -21.34 1.52
C ALA A 404 -21.25 -19.99 1.57
N LEU A 405 -22.57 -20.02 1.37
CA LEU A 405 -23.38 -18.80 1.29
C LEU A 405 -23.27 -17.82 2.49
N PRO A 406 -23.17 -18.36 3.72
CA PRO A 406 -23.16 -17.49 4.90
C PRO A 406 -21.90 -16.61 5.07
N THR A 407 -20.86 -16.79 4.27
CA THR A 407 -19.67 -15.93 4.39
C THR A 407 -19.79 -14.66 3.55
N CYS A 408 -20.86 -14.55 2.77
CA CYS A 408 -21.06 -13.42 1.87
C CYS A 408 -21.17 -12.08 2.60
N GLY A 409 -21.94 -12.04 3.68
CA GLY A 409 -22.12 -10.81 4.43
C GLY A 409 -23.25 -9.90 3.93
N TYR A 410 -23.98 -10.34 2.91
CA TYR A 410 -25.01 -9.53 2.28
C TYR A 410 -26.35 -9.54 3.02
N ALA A 411 -26.61 -10.59 3.79
CA ALA A 411 -27.78 -10.59 4.63
C ALA A 411 -27.49 -9.63 5.77
N MET A 412 -26.26 -9.68 6.27
CA MET A 412 -25.84 -8.79 7.35
C MET A 412 -25.93 -7.32 6.93
N LEU A 413 -25.52 -7.01 5.71
CA LEU A 413 -25.57 -5.62 5.26
C LEU A 413 -27.00 -5.12 5.00
N ALA A 414 -27.84 -5.95 4.37
CA ALA A 414 -29.22 -5.52 4.14
C ALA A 414 -29.95 -5.29 5.44
N ILE A 415 -29.89 -6.28 6.33
CA ILE A 415 -30.50 -6.16 7.64
C ILE A 415 -29.99 -4.94 8.39
N THR A 416 -28.68 -4.73 8.36
CA THR A 416 -28.09 -3.60 9.06
C THR A 416 -28.52 -2.26 8.43
N SER A 417 -28.70 -2.25 7.12
CA SER A 417 -29.03 -1.01 6.42
C SER A 417 -30.44 -0.56 6.80
N PHE A 418 -31.29 -1.51 7.22
CA PHE A 418 -32.65 -1.18 7.66
C PHE A 418 -32.61 -0.41 8.97
N VAL A 419 -31.54 -0.58 9.74
CA VAL A 419 -31.47 0.04 11.07
C VAL A 419 -31.62 1.56 10.98
N GLY A 420 -30.98 2.16 9.98
CA GLY A 420 -30.96 3.61 9.87
C GLY A 420 -32.06 4.20 9.01
N MET A 421 -33.00 3.37 8.57
CA MET A 421 -34.09 3.86 7.75
C MET A 421 -35.22 4.43 8.61
N GLY A 422 -36.24 4.99 7.95
CA GLY A 422 -37.35 5.59 8.67
C GLY A 422 -38.43 4.60 9.05
N ASP A 423 -39.66 5.09 9.15
CA ASP A 423 -40.79 4.27 9.57
C ASP A 423 -41.20 3.23 8.54
N ILE A 424 -40.77 3.38 7.30
CA ILE A 424 -41.06 2.36 6.29
C ILE A 424 -40.57 1.00 6.80
N VAL A 425 -39.53 1.05 7.63
CA VAL A 425 -39.01 -0.16 8.27
C VAL A 425 -39.69 -0.38 9.62
N THR A 426 -40.02 -1.65 9.87
CA THR A 426 -40.89 -2.00 10.97
C THR A 426 -40.40 -3.28 11.64
N PRO A 427 -40.90 -3.58 12.84
CA PRO A 427 -40.54 -4.86 13.47
C PRO A 427 -40.80 -6.08 12.57
N GLU A 428 -41.83 -6.02 11.72
CA GLU A 428 -42.09 -7.11 10.77
C GLU A 428 -41.01 -7.24 9.69
N THR A 429 -40.39 -6.12 9.32
CA THR A 429 -39.33 -6.14 8.33
C THR A 429 -38.20 -7.04 8.81
N PHE A 430 -37.87 -6.91 10.08
CA PHE A 430 -36.78 -7.68 10.66
C PHE A 430 -37.11 -9.15 10.83
N LYS A 431 -38.39 -9.45 11.08
CA LYS A 431 -38.81 -10.84 11.18
C LYS A 431 -38.69 -11.48 9.80
N TRP A 432 -39.12 -10.75 8.78
CA TRP A 432 -39.05 -11.19 7.39
C TRP A 432 -37.60 -11.43 6.94
N ALA A 433 -36.71 -10.49 7.22
CA ALA A 433 -35.32 -10.60 6.78
C ALA A 433 -34.58 -11.72 7.50
N ALA A 434 -34.90 -11.94 8.78
CA ALA A 434 -34.26 -13.00 9.56
C ALA A 434 -34.75 -14.39 9.13
N SER A 435 -35.86 -14.43 8.41
CA SER A 435 -36.39 -15.69 7.90
C SER A 435 -35.79 -16.02 6.53
N ASP A 436 -34.73 -15.29 6.16
CA ASP A 436 -34.02 -15.53 4.90
C ASP A 436 -34.89 -15.44 3.64
N PRO A 437 -35.39 -14.24 3.32
CA PRO A 437 -36.36 -14.12 2.22
C PRO A 437 -35.72 -14.26 0.84
N LYS A 438 -36.55 -14.47 -0.17
CA LYS A 438 -36.07 -14.71 -1.53
C LYS A 438 -35.12 -13.64 -2.04
N ILE A 439 -35.48 -12.36 -1.85
CA ILE A 439 -34.70 -11.29 -2.45
C ILE A 439 -33.31 -11.25 -1.86
N ILE A 440 -33.22 -11.54 -0.56
CA ILE A 440 -31.94 -11.58 0.13
C ILE A 440 -31.17 -12.82 -0.31
N GLN A 441 -31.87 -13.94 -0.48
CA GLN A 441 -31.25 -15.15 -1.04
C GLN A 441 -30.61 -14.87 -2.39
N ALA A 442 -31.38 -14.30 -3.31
CA ALA A 442 -30.89 -14.04 -4.65
C ALA A 442 -29.62 -13.20 -4.61
N SER A 443 -29.59 -12.19 -3.74
CA SER A 443 -28.43 -11.31 -3.63
C SER A 443 -27.24 -12.07 -3.03
N THR A 444 -27.53 -13.08 -2.23
CA THR A 444 -26.47 -13.89 -1.64
C THR A 444 -25.85 -14.83 -2.69
N ILE A 445 -26.70 -15.45 -3.51
CA ILE A 445 -26.22 -16.22 -4.65
C ILE A 445 -25.32 -15.35 -5.53
N ILE A 446 -25.82 -14.17 -5.89
CA ILE A 446 -25.05 -13.25 -6.72
C ILE A 446 -23.72 -12.91 -6.09
N CYS A 447 -23.75 -12.52 -4.81
CA CYS A 447 -22.52 -12.21 -4.11
C CYS A 447 -21.55 -13.39 -4.11
N ARG A 448 -22.01 -14.53 -3.60
CA ARG A 448 -21.17 -15.72 -3.46
C ARG A 448 -20.58 -16.24 -4.78
N PHE A 449 -21.44 -16.39 -5.80
CA PHE A 449 -21.02 -17.00 -7.06
C PHE A 449 -20.15 -16.07 -7.92
N MET A 450 -20.47 -14.78 -7.94
CA MET A 450 -19.62 -13.84 -8.67
C MET A 450 -18.25 -13.77 -8.02
N ASP A 451 -18.23 -13.86 -6.70
CA ASP A 451 -16.97 -13.81 -5.96
C ASP A 451 -16.13 -15.08 -6.19
N ASP A 452 -16.81 -16.22 -6.34
CA ASP A 452 -16.11 -17.48 -6.60
C ASP A 452 -15.46 -17.49 -7.97
N VAL A 453 -16.28 -17.28 -9.00
CA VAL A 453 -15.80 -17.15 -10.37
C VAL A 453 -14.62 -16.20 -10.45
N ALA A 454 -14.75 -15.04 -9.81
CA ALA A 454 -13.72 -14.00 -9.89
C ALA A 454 -12.41 -14.44 -9.23
N GLU A 455 -12.49 -14.95 -8.01
CA GLU A 455 -11.29 -15.35 -7.28
C GLU A 455 -10.51 -16.45 -7.99
N HIS A 456 -11.20 -17.33 -8.70
CA HIS A 456 -10.54 -18.36 -9.49
C HIS A 456 -9.95 -17.74 -10.75
N LYS A 457 -10.82 -17.33 -11.66
CA LYS A 457 -10.39 -16.71 -12.91
C LYS A 457 -9.30 -15.68 -12.66
N PHE A 458 -9.70 -14.43 -12.44
CA PHE A 458 -8.75 -13.35 -12.19
C PHE A 458 -7.91 -13.63 -10.95
N ASP A 465 -6.88 -21.00 -1.37
CA ASP A 465 -7.42 -21.95 -0.39
C ASP A 465 -8.95 -22.00 -0.44
N CYS A 466 -9.48 -23.22 -0.42
CA CYS A 466 -10.92 -23.47 -0.54
C CYS A 466 -11.61 -22.68 -1.64
N SER A 467 -11.56 -23.25 -2.85
CA SER A 467 -12.15 -22.65 -4.03
C SER A 467 -13.40 -23.41 -4.43
N ALA A 468 -14.51 -22.69 -4.53
CA ALA A 468 -15.77 -23.31 -4.92
C ALA A 468 -15.73 -23.82 -6.36
N ILE A 469 -15.07 -23.08 -7.24
CA ILE A 469 -14.93 -23.53 -8.62
C ILE A 469 -14.12 -24.82 -8.64
N GLU A 470 -12.97 -24.80 -7.95
CA GLU A 470 -12.13 -25.98 -7.87
C GLU A 470 -12.96 -27.16 -7.37
N CYS A 471 -13.72 -26.92 -6.31
CA CYS A 471 -14.58 -27.95 -5.72
C CYS A 471 -15.56 -28.51 -6.75
N TYR A 472 -16.24 -27.62 -7.46
CA TYR A 472 -17.20 -28.05 -8.46
C TYR A 472 -16.55 -28.87 -9.57
N MET A 473 -15.37 -28.43 -10.01
CA MET A 473 -14.62 -29.15 -11.04
C MET A 473 -14.41 -30.60 -10.63
N GLU A 474 -13.90 -30.80 -9.42
CA GLU A 474 -13.69 -32.15 -8.91
C GLU A 474 -15.00 -32.92 -8.83
N GLU A 475 -15.99 -32.36 -8.13
CA GLU A 475 -17.24 -33.05 -7.89
C GLU A 475 -17.94 -33.53 -9.17
N TYR A 476 -17.91 -32.70 -10.20
CA TYR A 476 -18.63 -33.01 -11.43
C TYR A 476 -17.70 -33.38 -12.58
N GLY A 477 -16.40 -33.25 -12.37
CA GLY A 477 -15.41 -33.59 -13.38
C GLY A 477 -15.49 -32.72 -14.61
N VAL A 478 -15.24 -31.42 -14.43
CA VAL A 478 -15.25 -30.48 -15.56
C VAL A 478 -14.08 -29.51 -15.45
N THR A 479 -13.95 -28.63 -16.45
CA THR A 479 -12.87 -27.65 -16.46
C THR A 479 -13.32 -26.37 -15.80
N ALA A 480 -12.37 -25.48 -15.53
CA ALA A 480 -12.69 -24.17 -15.00
C ALA A 480 -13.81 -23.54 -15.83
N GLN A 481 -13.60 -23.44 -17.14
CA GLN A 481 -14.56 -22.77 -18.01
C GLN A 481 -15.97 -23.33 -17.89
N GLU A 482 -16.09 -24.65 -17.81
CA GLU A 482 -17.40 -25.27 -17.66
C GLU A 482 -18.02 -24.91 -16.31
N ALA A 483 -17.17 -24.80 -15.30
CA ALA A 483 -17.58 -24.40 -13.96
C ALA A 483 -18.08 -22.97 -13.97
N TYR A 484 -17.29 -22.07 -14.54
CA TYR A 484 -17.70 -20.69 -14.75
C TYR A 484 -19.10 -20.62 -15.36
N ASP A 485 -19.30 -21.37 -16.45
CA ASP A 485 -20.57 -21.32 -17.17
C ASP A 485 -21.74 -21.68 -16.27
N VAL A 486 -21.54 -22.69 -15.42
CA VAL A 486 -22.60 -23.12 -14.50
C VAL A 486 -22.86 -22.03 -13.46
N PHE A 487 -21.79 -21.49 -12.89
CA PHE A 487 -21.88 -20.45 -11.88
C PHE A 487 -22.59 -19.19 -12.39
N ASN A 488 -22.13 -18.69 -13.53
CA ASN A 488 -22.73 -17.50 -14.14
C ASN A 488 -24.20 -17.73 -14.48
N LYS A 489 -24.54 -18.97 -14.85
CA LYS A 489 -25.93 -19.32 -15.11
C LYS A 489 -26.75 -19.13 -13.84
N HIS A 490 -26.13 -19.42 -12.71
CA HIS A 490 -26.81 -19.27 -11.43
C HIS A 490 -26.96 -17.82 -11.05
N VAL A 491 -25.96 -17.02 -11.42
CA VAL A 491 -26.02 -15.58 -11.20
C VAL A 491 -27.17 -15.00 -12.00
N GLU A 492 -27.26 -15.39 -13.27
CA GLU A 492 -28.34 -14.92 -14.14
C GLU A 492 -29.70 -15.31 -13.59
N SER A 493 -29.82 -16.53 -13.06
CA SER A 493 -31.09 -17.00 -12.50
C SER A 493 -31.42 -16.30 -11.17
N ALA A 494 -30.40 -15.96 -10.41
CA ALA A 494 -30.59 -15.14 -9.21
C ALA A 494 -31.09 -13.74 -9.59
N TRP A 495 -30.57 -13.16 -10.66
CA TRP A 495 -31.06 -11.86 -11.13
C TRP A 495 -32.52 -11.93 -11.52
N LYS A 496 -32.94 -13.06 -12.09
CA LYS A 496 -34.34 -13.22 -12.47
C LYS A 496 -35.23 -13.25 -11.23
N ASP A 497 -34.81 -14.00 -10.22
CA ASP A 497 -35.52 -14.05 -8.94
C ASP A 497 -35.67 -12.67 -8.33
N LEU A 498 -34.57 -11.92 -8.37
CA LEU A 498 -34.54 -10.57 -7.82
C LEU A 498 -35.56 -9.68 -8.52
N ASN A 499 -35.53 -9.67 -9.85
CA ASN A 499 -36.51 -8.91 -10.62
C ASN A 499 -37.93 -9.32 -10.25
N GLN A 500 -38.14 -10.62 -10.09
CA GLN A 500 -39.45 -11.17 -9.77
C GLN A 500 -39.96 -10.64 -8.42
N GLU A 501 -39.04 -10.45 -7.48
CA GLU A 501 -39.41 -9.91 -6.17
C GLU A 501 -39.98 -8.49 -6.20
N PHE A 502 -39.74 -7.74 -7.29
CA PHE A 502 -40.27 -6.38 -7.41
C PHE A 502 -41.66 -6.31 -8.03
N LEU A 503 -42.09 -7.39 -8.68
CA LEU A 503 -43.39 -7.40 -9.34
C LEU A 503 -44.52 -7.50 -8.30
N LYS A 504 -45.52 -6.64 -8.43
CA LYS A 504 -46.59 -6.57 -7.45
C LYS A 504 -47.49 -7.80 -7.48
N PRO A 505 -47.94 -8.27 -6.31
CA PRO A 505 -47.65 -7.70 -4.99
C PRO A 505 -46.30 -8.18 -4.44
N THR A 506 -45.67 -7.34 -3.62
CA THR A 506 -44.36 -7.69 -3.04
C THR A 506 -44.44 -8.03 -1.55
N GLU A 507 -43.43 -8.73 -1.05
CA GLU A 507 -43.37 -9.12 0.36
C GLU A 507 -43.05 -7.95 1.27
N MET A 508 -42.38 -6.93 0.73
CA MET A 508 -41.94 -5.78 1.49
C MET A 508 -41.99 -4.52 0.63
N PRO A 509 -42.06 -3.34 1.27
CA PRO A 509 -42.01 -2.07 0.54
C PRO A 509 -40.78 -1.94 -0.37
N THR A 510 -40.93 -1.14 -1.42
CA THR A 510 -39.87 -0.92 -2.39
C THR A 510 -38.53 -0.48 -1.77
N GLU A 511 -38.59 0.40 -0.79
CA GLU A 511 -37.34 0.93 -0.22
C GLU A 511 -36.60 -0.12 0.60
N VAL A 512 -37.32 -1.14 1.04
CA VAL A 512 -36.69 -2.27 1.71
C VAL A 512 -36.01 -3.16 0.66
N LEU A 513 -36.77 -3.48 -0.39
CA LEU A 513 -36.26 -4.31 -1.47
C LEU A 513 -35.04 -3.68 -2.17
N ASN A 514 -35.06 -2.36 -2.34
CA ASN A 514 -33.96 -1.66 -3.02
C ASN A 514 -32.60 -1.90 -2.37
N ARG A 515 -32.59 -2.11 -1.07
CA ARG A 515 -31.36 -2.40 -0.36
C ARG A 515 -30.67 -3.64 -0.92
N SER A 516 -31.47 -4.68 -1.20
CA SER A 516 -30.91 -5.93 -1.70
C SER A 516 -30.55 -5.81 -3.18
N LEU A 517 -31.37 -5.08 -3.94
CA LEU A 517 -31.07 -4.79 -5.33
C LEU A 517 -29.73 -4.07 -5.44
N ASN A 518 -29.53 -3.05 -4.61
CA ASN A 518 -28.29 -2.29 -4.68
C ASN A 518 -27.04 -3.09 -4.28
N LEU A 519 -27.20 -4.02 -3.33
CA LEU A 519 -26.08 -4.87 -2.96
C LEU A 519 -25.68 -5.78 -4.12
N ALA A 520 -26.67 -6.33 -4.81
CA ALA A 520 -26.43 -7.10 -6.02
C ALA A 520 -25.71 -6.22 -7.06
N ARG A 521 -26.12 -4.95 -7.15
CA ARG A 521 -25.53 -4.01 -8.09
C ARG A 521 -24.09 -3.70 -7.70
N VAL A 522 -23.81 -3.70 -6.40
CA VAL A 522 -22.43 -3.50 -5.95
C VAL A 522 -21.54 -4.64 -6.49
N MET A 523 -22.07 -5.86 -6.48
CA MET A 523 -21.35 -6.99 -7.05
C MET A 523 -21.10 -6.82 -8.55
N ASP A 524 -22.15 -6.48 -9.29
CA ASP A 524 -22.03 -6.38 -10.74
C ASP A 524 -21.06 -5.30 -11.19
N VAL A 525 -20.86 -4.28 -10.36
CA VAL A 525 -19.99 -3.18 -10.73
C VAL A 525 -18.55 -3.40 -10.25
N LEU A 526 -18.42 -3.97 -9.05
CA LEU A 526 -17.11 -4.02 -8.41
C LEU A 526 -16.41 -5.38 -8.49
N TYR A 527 -17.18 -6.45 -8.59
CA TYR A 527 -16.61 -7.78 -8.47
C TYR A 527 -16.79 -8.65 -9.69
N ARG A 528 -16.51 -8.08 -10.86
CA ARG A 528 -16.33 -8.90 -12.05
C ARG A 528 -15.14 -8.41 -12.88
N GLU A 529 -13.96 -8.89 -12.50
CA GLU A 529 -12.73 -8.55 -13.18
C GLU A 529 -11.65 -9.59 -12.95
N TYR A 535 -6.20 -3.05 -3.14
CA TYR A 535 -5.76 -3.18 -4.53
C TYR A 535 -5.79 -1.84 -5.28
N VAL A 536 -6.93 -1.16 -5.31
CA VAL A 536 -8.18 -1.61 -4.71
C VAL A 536 -9.20 -1.92 -5.79
N GLY A 537 -8.74 -1.97 -7.04
CA GLY A 537 -9.61 -2.21 -8.17
C GLY A 537 -9.85 -0.94 -8.95
N LYS A 538 -9.77 -1.03 -10.28
CA LYS A 538 -9.99 0.14 -11.13
C LYS A 538 -11.40 0.70 -10.91
N ALA A 539 -12.36 -0.20 -10.72
CA ALA A 539 -13.76 0.21 -10.56
C ALA A 539 -13.99 1.01 -9.28
N ALA A 540 -13.42 0.52 -8.17
CA ALA A 540 -13.52 1.23 -6.90
C ALA A 540 -12.81 2.57 -6.97
N LYS A 541 -11.54 2.54 -7.33
CA LYS A 541 -10.74 3.76 -7.46
C LYS A 541 -11.43 4.78 -8.36
N GLY A 542 -11.95 4.33 -9.50
CA GLY A 542 -12.64 5.22 -10.41
C GLY A 542 -13.94 5.75 -9.84
N GLY A 543 -14.70 4.88 -9.19
CA GLY A 543 -15.96 5.29 -8.60
C GLY A 543 -15.76 6.22 -7.42
N ILE A 544 -14.74 5.94 -6.63
CA ILE A 544 -14.40 6.78 -5.50
C ILE A 544 -14.01 8.18 -5.96
N THR A 545 -13.20 8.25 -7.02
CA THR A 545 -12.74 9.53 -7.55
C THR A 545 -13.89 10.34 -8.15
N SER A 546 -14.70 9.68 -8.97
CA SER A 546 -15.79 10.39 -9.63
C SER A 546 -16.90 10.85 -8.67
N LEU A 547 -17.23 10.03 -7.68
CA LEU A 547 -18.31 10.41 -6.77
C LEU A 547 -17.87 11.23 -5.56
N LEU A 548 -16.65 11.02 -5.08
CA LEU A 548 -16.23 11.68 -3.84
C LEU A 548 -15.14 12.76 -4.02
N ILE A 549 -14.34 12.64 -5.07
CA ILE A 549 -13.24 13.61 -5.25
C ILE A 549 -13.56 14.79 -6.17
N GLU A 550 -13.86 14.51 -7.43
CA GLU A 550 -14.07 15.57 -8.42
C GLU A 550 -15.50 16.09 -8.46
N PRO A 551 -15.70 17.38 -8.17
CA PRO A 551 -17.01 18.00 -8.33
C PRO A 551 -17.33 18.20 -9.81
N ILE A 552 -18.58 18.52 -10.13
CA ILE A 552 -18.93 18.82 -11.51
C ILE A 552 -18.84 20.32 -11.75
N ALA A 553 -18.28 20.70 -12.89
CA ALA A 553 -18.17 22.11 -13.26
C ALA A 553 -19.50 22.63 -13.78
N LEU A 554 -20.07 23.62 -13.09
CA LEU A 554 -21.29 24.26 -13.54
C LEU A 554 -21.01 25.29 -14.64
N GLN B 28 20.75 29.12 9.44
CA GLN B 28 21.72 28.63 8.46
C GLN B 28 22.88 27.84 9.10
N PRO B 29 23.48 28.37 10.18
CA PRO B 29 24.62 27.68 10.80
C PRO B 29 24.25 26.29 11.35
N SER B 30 25.27 25.55 11.78
CA SER B 30 25.09 24.20 12.31
C SER B 30 24.54 24.23 13.73
N ILE B 31 24.03 23.09 14.19
CA ILE B 31 23.47 22.98 15.52
C ILE B 31 24.49 22.44 16.52
N TRP B 32 25.73 22.29 16.07
CA TRP B 32 26.78 21.74 16.93
C TRP B 32 27.82 22.79 17.30
N GLY B 33 27.69 23.98 16.73
CA GLY B 33 28.59 25.08 17.02
C GLY B 33 30.05 24.71 16.80
N ASP B 34 30.83 24.73 17.87
CA ASP B 34 32.25 24.39 17.80
C ASP B 34 32.60 23.30 18.80
N LEU B 35 31.69 22.34 18.98
CA LEU B 35 31.86 21.28 19.96
C LEU B 35 33.10 20.41 19.70
N PHE B 36 33.21 19.88 18.49
CA PHE B 36 34.32 18.99 18.13
C PHE B 36 35.46 19.74 17.45
N LEU B 37 35.42 21.08 17.48
CA LEU B 37 36.43 21.88 16.79
C LEU B 37 37.82 21.70 17.39
N ASN B 38 37.89 21.18 18.61
CA ASN B 38 39.17 20.99 19.29
C ASN B 38 39.52 19.51 19.49
N CYS B 39 40.78 19.23 19.81
CA CYS B 39 41.20 17.87 20.12
C CYS B 39 40.45 17.33 21.33
N PRO B 40 40.55 16.01 21.56
CA PRO B 40 39.93 15.38 22.72
C PRO B 40 40.95 14.85 23.72
N ASP B 41 40.49 14.49 24.91
CA ASP B 41 41.32 13.78 25.88
C ASP B 41 40.94 12.30 25.84
N LYS B 42 41.29 11.57 26.88
CA LYS B 42 40.90 10.17 27.01
C LYS B 42 41.54 9.48 28.22
N ASN B 43 40.71 8.83 29.02
CA ASN B 43 41.18 8.10 30.20
C ASN B 43 41.71 6.74 29.81
N ILE B 44 42.21 6.62 28.58
CA ILE B 44 42.65 5.34 28.06
C ILE B 44 43.95 5.47 27.27
N ALA B 46 46.51 4.65 30.48
CA ALA B 46 47.46 3.71 29.90
C ALA B 46 47.38 2.35 30.58
N GLU B 47 46.97 2.35 31.83
CA GLU B 47 46.80 1.10 32.57
C GLU B 47 45.61 0.34 31.99
N THR B 48 44.67 1.08 31.44
CA THR B 48 43.51 0.50 30.79
C THR B 48 43.82 0.13 29.33
N GLU B 49 44.87 0.73 28.78
CA GLU B 49 45.32 0.38 27.44
C GLU B 49 46.02 -0.98 27.43
N LYS B 50 46.71 -1.28 28.52
CA LYS B 50 47.32 -2.60 28.69
C LYS B 50 46.20 -3.62 28.83
N ARG B 51 45.07 -3.15 29.36
CA ARG B 51 43.91 -4.00 29.58
C ARG B 51 43.25 -4.38 28.26
N HIS B 52 43.05 -3.39 27.41
CA HIS B 52 42.43 -3.59 26.11
C HIS B 52 43.31 -4.45 25.20
N GLN B 53 44.62 -4.27 25.30
CA GLN B 53 45.56 -5.06 24.54
C GLN B 53 45.54 -6.51 25.01
N GLN B 54 45.45 -6.69 26.33
CA GLN B 54 45.44 -8.01 26.92
C GLN B 54 44.15 -8.75 26.58
N LEU B 55 43.03 -8.11 26.83
CA LEU B 55 41.72 -8.70 26.54
C LEU B 55 41.59 -9.06 25.05
N LYS B 56 42.11 -8.20 24.19
CA LYS B 56 41.99 -8.40 22.75
C LYS B 56 42.45 -9.79 22.36
N GLU B 57 43.52 -10.27 22.98
CA GLU B 57 44.06 -11.58 22.65
C GLU B 57 43.25 -12.70 23.28
N GLU B 58 42.50 -12.36 24.33
CA GLU B 58 41.66 -13.33 25.01
C GLU B 58 40.46 -13.73 24.14
N VAL B 59 39.67 -12.72 23.74
CA VAL B 59 38.53 -12.94 22.87
C VAL B 59 38.97 -13.76 21.66
N ARG B 60 40.13 -13.40 21.11
CA ARG B 60 40.71 -14.10 19.97
C ARG B 60 40.72 -15.60 20.21
N LYS B 61 41.14 -16.00 21.41
CA LYS B 61 41.31 -17.40 21.73
C LYS B 61 39.99 -18.17 21.88
N MET B 62 38.98 -17.54 22.46
CA MET B 62 37.65 -18.15 22.55
C MET B 62 37.07 -18.39 21.17
N ILE B 63 37.32 -17.45 20.25
CA ILE B 63 36.83 -17.58 18.90
C ILE B 63 37.46 -18.79 18.21
N VAL B 64 38.73 -19.04 18.51
CA VAL B 64 39.44 -20.15 17.90
C VAL B 64 39.18 -21.45 18.66
N ALA B 65 39.01 -21.33 19.98
CA ALA B 65 38.75 -22.48 20.83
C ALA B 65 37.30 -22.91 20.72
N PRO B 66 37.07 -24.18 20.34
CA PRO B 66 35.72 -24.72 20.25
C PRO B 66 34.94 -24.51 21.56
N MET B 67 33.62 -24.38 21.45
CA MET B 67 32.77 -24.21 22.62
C MET B 67 31.84 -25.40 22.77
N ALA B 68 30.68 -25.18 23.41
CA ALA B 68 29.69 -26.22 23.57
C ALA B 68 29.49 -26.99 22.27
N ASN B 69 29.10 -26.27 21.22
CA ASN B 69 28.93 -26.84 19.89
C ASN B 69 28.72 -25.75 18.86
N SER B 70 28.52 -26.16 17.61
CA SER B 70 28.32 -25.22 16.50
C SER B 70 27.45 -24.03 16.91
N THR B 71 26.31 -24.32 17.53
CA THR B 71 25.33 -23.30 17.86
C THR B 71 25.84 -22.29 18.90
N GLN B 72 26.60 -22.75 19.89
CA GLN B 72 27.09 -21.83 20.93
C GLN B 72 28.27 -21.01 20.44
N LYS B 73 28.92 -21.49 19.37
CA LYS B 73 30.00 -20.75 18.71
C LYS B 73 29.40 -19.59 17.92
N LEU B 74 28.47 -19.93 17.03
CA LEU B 74 27.74 -18.96 16.24
C LEU B 74 27.30 -17.78 17.10
N ALA B 75 26.71 -18.08 18.26
CA ALA B 75 26.20 -17.05 19.14
C ALA B 75 27.33 -16.15 19.63
N PHE B 76 28.46 -16.76 19.96
CA PHE B 76 29.62 -16.00 20.42
C PHE B 76 30.17 -15.12 19.30
N ILE B 77 30.37 -15.72 18.12
CA ILE B 77 30.79 -14.95 16.96
C ILE B 77 29.86 -13.77 16.69
N ASP B 78 28.56 -14.01 16.81
CA ASP B 78 27.56 -12.96 16.56
C ASP B 78 27.68 -11.85 17.59
N SER B 79 28.00 -12.21 18.83
CA SER B 79 28.21 -11.22 19.88
C SER B 79 29.40 -10.34 19.53
N VAL B 80 30.43 -10.97 18.97
CA VAL B 80 31.63 -10.26 18.56
C VAL B 80 31.32 -9.26 17.46
N GLN B 81 30.71 -9.75 16.38
CA GLN B 81 30.30 -8.89 15.26
C GLN B 81 29.41 -7.74 15.73
N ARG B 82 28.44 -8.05 16.58
CA ARG B 82 27.47 -7.05 17.02
C ARG B 82 28.05 -6.05 18.02
N LEU B 83 29.12 -6.44 18.70
CA LEU B 83 29.77 -5.54 19.65
C LEU B 83 30.74 -4.59 18.93
N GLY B 84 30.89 -4.82 17.62
CA GLY B 84 31.64 -3.91 16.76
C GLY B 84 33.15 -4.03 16.87
N VAL B 85 33.64 -5.25 17.06
CA VAL B 85 35.07 -5.51 17.22
C VAL B 85 35.51 -6.73 16.43
N SER B 86 34.71 -7.12 15.45
CA SER B 86 35.01 -8.29 14.63
C SER B 86 36.25 -8.08 13.76
N TYR B 87 36.70 -6.84 13.63
CA TYR B 87 37.85 -6.54 12.79
C TYR B 87 39.18 -6.99 13.39
N HIS B 88 39.21 -7.13 14.71
CA HIS B 88 40.39 -7.64 15.40
C HIS B 88 40.56 -9.13 15.16
N PHE B 89 39.50 -9.79 14.71
CA PHE B 89 39.48 -11.24 14.61
C PHE B 89 38.94 -11.70 13.27
N THR B 90 39.06 -10.84 12.26
CA THR B 90 38.52 -11.13 10.92
C THR B 90 38.83 -12.54 10.42
N LYS B 91 40.12 -12.91 10.42
CA LYS B 91 40.52 -14.22 9.92
C LYS B 91 40.06 -15.34 10.85
N GLU B 92 40.07 -15.07 12.14
CA GLU B 92 39.67 -16.04 13.15
C GLU B 92 38.22 -16.44 12.97
N ILE B 93 37.40 -15.51 12.50
CA ILE B 93 35.98 -15.74 12.31
C ILE B 93 35.69 -16.45 11.00
N GLU B 94 36.35 -16.02 9.93
CA GLU B 94 36.05 -16.51 8.59
C GLU B 94 36.22 -18.02 8.46
N ASP B 95 37.37 -18.53 8.88
CA ASP B 95 37.65 -19.96 8.79
C ASP B 95 36.80 -20.75 9.79
N GLU B 96 36.48 -20.11 10.91
CA GLU B 96 35.60 -20.71 11.90
C GLU B 96 34.24 -20.98 11.25
N LEU B 97 33.72 -20.00 10.53
CA LEU B 97 32.44 -20.14 9.83
C LEU B 97 32.55 -21.13 8.68
N GLU B 98 33.72 -21.15 8.04
CA GLU B 98 33.96 -22.06 6.93
C GLU B 98 33.89 -23.50 7.42
N ASN B 99 34.18 -23.69 8.70
CA ASN B 99 34.05 -25.00 9.33
C ASN B 99 32.57 -25.34 9.55
N ILE B 100 31.87 -24.42 10.20
CA ILE B 100 30.44 -24.58 10.48
C ILE B 100 29.62 -24.66 9.20
N TYR B 101 30.26 -24.38 8.06
CA TYR B 101 29.57 -24.49 6.77
C TYR B 101 29.74 -25.87 6.17
N HIS B 102 30.63 -26.67 6.74
CA HIS B 102 30.86 -28.03 6.27
C HIS B 102 30.41 -29.04 7.32
N ASN B 103 29.85 -28.54 8.42
CA ASN B 103 29.43 -29.39 9.53
C ASN B 103 27.97 -29.83 9.48
N ASN B 109 19.22 -29.81 14.21
CA ASN B 109 19.35 -28.34 14.20
C ASN B 109 18.08 -27.58 14.55
N ASP B 110 18.15 -26.89 15.69
CA ASP B 110 17.11 -26.01 16.19
C ASP B 110 16.59 -25.08 15.09
N LEU B 111 15.55 -24.31 15.41
CA LEU B 111 15.16 -23.21 14.54
C LEU B 111 16.25 -22.17 14.71
N TYR B 112 16.48 -21.80 15.97
CA TYR B 112 17.52 -20.86 16.34
C TYR B 112 18.84 -21.20 15.68
N THR B 113 19.18 -22.49 15.70
CA THR B 113 20.42 -22.95 15.12
C THR B 113 20.42 -22.78 13.60
N THR B 114 19.40 -23.35 12.96
CA THR B 114 19.25 -23.25 11.51
C THR B 114 19.35 -21.79 11.05
N SER B 115 18.68 -20.91 11.78
CA SER B 115 18.56 -19.51 11.40
C SER B 115 19.87 -18.73 11.55
N ILE B 116 20.41 -18.72 12.77
CA ILE B 116 21.63 -17.97 13.04
C ILE B 116 22.79 -18.48 12.19
N ARG B 117 22.75 -19.76 11.84
CA ARG B 117 23.74 -20.33 10.94
C ARG B 117 23.53 -19.81 9.53
N PHE B 118 22.27 -19.68 9.13
CA PHE B 118 21.92 -19.17 7.82
C PHE B 118 22.37 -17.71 7.66
N ARG B 119 22.15 -16.92 8.71
CA ARG B 119 22.47 -15.50 8.67
C ARG B 119 23.98 -15.25 8.50
N LEU B 120 24.76 -15.74 9.46
CA LEU B 120 26.22 -15.57 9.42
C LEU B 120 26.85 -16.08 8.13
N LEU B 121 26.57 -17.33 7.77
CA LEU B 121 27.15 -17.92 6.56
C LEU B 121 26.75 -17.13 5.32
N ARG B 122 25.48 -16.77 5.23
CA ARG B 122 24.98 -15.99 4.10
C ARG B 122 25.66 -14.62 4.03
N GLU B 123 25.86 -14.02 5.20
CA GLU B 123 26.53 -12.72 5.28
C GLU B 123 27.94 -12.84 4.73
N HIS B 124 28.59 -13.98 4.99
CA HIS B 124 29.97 -14.19 4.58
C HIS B 124 30.09 -14.87 3.22
N GLY B 125 29.01 -14.84 2.46
CA GLY B 125 29.06 -15.25 1.07
C GLY B 125 28.88 -16.74 0.81
N TYR B 126 28.79 -17.52 1.88
CA TYR B 126 28.53 -18.95 1.75
C TYR B 126 27.11 -19.23 1.23
N ASN B 127 27.02 -20.01 0.15
CA ASN B 127 25.75 -20.29 -0.52
C ASN B 127 24.85 -21.31 0.17
N VAL B 128 24.29 -20.96 1.32
CA VAL B 128 23.35 -21.84 2.01
C VAL B 128 21.97 -21.77 1.35
N SER B 129 21.37 -22.93 1.07
CA SER B 129 20.05 -22.97 0.42
C SER B 129 18.95 -22.68 1.43
N CYS B 130 17.84 -22.09 0.96
CA CYS B 130 16.71 -21.82 1.84
C CYS B 130 15.97 -23.12 2.19
N ASP B 131 16.40 -24.23 1.58
CA ASP B 131 15.87 -25.55 1.91
C ASP B 131 15.99 -25.84 3.39
N VAL B 132 16.99 -25.22 4.04
CA VAL B 132 17.26 -25.45 5.45
C VAL B 132 16.08 -25.08 6.34
N PHE B 133 15.09 -24.39 5.76
CA PHE B 133 13.91 -23.98 6.50
C PHE B 133 12.69 -24.83 6.18
N ASN B 134 12.78 -25.63 5.12
CA ASN B 134 11.66 -26.47 4.69
C ASN B 134 11.11 -27.37 5.80
N LYS B 135 12.01 -27.93 6.60
CA LYS B 135 11.62 -28.81 7.70
C LYS B 135 10.70 -28.12 8.70
N PHE B 136 10.50 -26.81 8.51
CA PHE B 136 9.69 -26.03 9.44
C PHE B 136 8.33 -25.70 8.84
N LYS B 137 8.13 -26.02 7.57
CA LYS B 137 6.83 -25.84 6.93
C LYS B 137 5.96 -27.07 7.12
N ASP B 138 4.78 -26.86 7.70
CA ASP B 138 3.91 -27.97 8.10
C ASP B 138 3.13 -28.60 6.95
N GLU B 139 2.24 -29.51 7.30
CA GLU B 139 1.39 -30.22 6.35
C GLU B 139 0.88 -29.29 5.24
N GLN B 140 0.19 -28.24 5.64
CA GLN B 140 -0.50 -27.34 4.71
C GLN B 140 0.44 -26.61 3.77
N GLY B 141 1.37 -25.84 4.32
CA GLY B 141 2.31 -25.10 3.50
C GLY B 141 2.92 -23.89 4.19
N ASN B 142 2.45 -23.60 5.40
CA ASN B 142 3.01 -22.53 6.20
C ASN B 142 3.85 -23.08 7.34
N PHE B 143 4.53 -22.19 8.05
CA PHE B 143 5.34 -22.60 9.19
C PHE B 143 4.48 -23.28 10.26
N LYS B 144 5.05 -24.28 10.91
CA LYS B 144 4.35 -24.99 11.98
C LYS B 144 3.98 -24.02 13.09
N SER B 145 3.12 -24.47 14.00
CA SER B 145 2.72 -23.64 15.13
C SER B 145 3.59 -23.95 16.35
N SER B 146 4.24 -25.11 16.33
CA SER B 146 5.19 -25.47 17.37
C SER B 146 6.36 -24.50 17.31
N VAL B 147 6.49 -23.83 16.16
CA VAL B 147 7.52 -22.83 15.94
C VAL B 147 7.22 -21.55 16.70
N THR B 148 5.94 -21.18 16.75
CA THR B 148 5.51 -19.91 17.33
C THR B 148 5.79 -19.79 18.82
N SER B 149 6.08 -20.91 19.46
CA SER B 149 6.42 -20.92 20.89
C SER B 149 7.88 -20.55 21.10
N ASP B 150 8.68 -20.72 20.04
CA ASP B 150 10.11 -20.52 20.11
C ASP B 150 10.47 -19.07 19.79
N VAL B 151 10.25 -18.17 20.73
CA VAL B 151 10.52 -16.75 20.51
C VAL B 151 11.94 -16.51 19.98
N ARG B 152 12.95 -16.94 20.74
CA ARG B 152 14.32 -16.76 20.33
C ARG B 152 14.55 -17.37 18.95
N GLY B 153 13.86 -18.45 18.65
CA GLY B 153 13.95 -19.10 17.36
C GLY B 153 13.33 -18.25 16.28
N LEU B 154 12.29 -17.51 16.65
CA LEU B 154 11.58 -16.62 15.73
C LEU B 154 12.44 -15.41 15.41
N LEU B 155 13.07 -14.86 16.44
CA LEU B 155 13.89 -13.67 16.32
C LEU B 155 15.03 -13.90 15.33
N GLU B 156 15.64 -15.08 15.40
CA GLU B 156 16.73 -15.43 14.52
C GLU B 156 16.22 -15.73 13.11
N LEU B 157 14.99 -16.20 13.00
CA LEU B 157 14.37 -16.40 11.69
C LEU B 157 14.10 -15.04 11.04
N TYR B 158 13.59 -14.12 11.85
CA TYR B 158 13.39 -12.73 11.43
C TYR B 158 14.68 -12.12 10.87
N GLN B 159 15.72 -12.08 11.71
CA GLN B 159 17.02 -11.58 11.30
C GLN B 159 17.50 -12.28 10.02
N ALA B 160 17.34 -13.59 9.98
CA ALA B 160 17.78 -14.40 8.85
C ALA B 160 17.10 -14.00 7.53
N SER B 161 15.82 -13.69 7.58
CA SER B 161 15.06 -13.37 6.36
C SER B 161 15.62 -12.12 5.68
N TYR B 162 16.24 -11.24 6.47
CA TYR B 162 16.88 -10.05 5.92
C TYR B 162 18.09 -10.35 5.03
N LEU B 163 18.58 -11.59 5.07
CA LEU B 163 19.67 -11.95 4.19
C LEU B 163 19.17 -12.65 2.94
N ARG B 164 17.86 -12.59 2.72
CA ARG B 164 17.25 -13.30 1.62
C ARG B 164 17.61 -12.68 0.26
N VAL B 165 17.56 -13.51 -0.76
CA VAL B 165 17.87 -13.14 -2.13
C VAL B 165 16.60 -13.32 -2.96
N HIS B 166 16.63 -12.99 -4.25
CA HIS B 166 15.49 -13.28 -5.12
C HIS B 166 15.17 -14.78 -5.18
N GLY B 167 13.91 -15.10 -5.42
CA GLY B 167 13.48 -16.48 -5.59
C GLY B 167 13.48 -17.33 -4.32
N GLU B 168 13.31 -16.68 -3.16
CA GLU B 168 13.23 -17.40 -1.90
C GLU B 168 11.91 -17.13 -1.17
N ASP B 169 10.84 -17.77 -1.63
CA ASP B 169 9.49 -17.59 -1.10
C ASP B 169 9.42 -17.76 0.41
N ILE B 170 9.99 -18.86 0.91
CA ILE B 170 9.88 -19.18 2.32
C ILE B 170 10.43 -18.10 3.25
N LEU B 171 11.39 -17.32 2.75
CA LEU B 171 11.95 -16.22 3.54
C LEU B 171 11.09 -14.97 3.38
N ASP B 172 10.55 -14.79 2.17
CA ASP B 172 9.57 -13.74 1.93
C ASP B 172 8.37 -13.92 2.85
N GLU B 173 8.10 -15.15 3.25
CA GLU B 173 7.00 -15.42 4.18
C GLU B 173 7.47 -15.34 5.62
N ALA B 174 8.68 -15.84 5.87
CA ALA B 174 9.27 -15.80 7.19
C ALA B 174 9.20 -14.39 7.80
N ILE B 175 9.48 -13.38 6.99
CA ILE B 175 9.51 -12.00 7.48
C ILE B 175 8.16 -11.53 8.05
N SER B 176 7.06 -11.86 7.37
CA SER B 176 5.72 -11.50 7.87
C SER B 176 5.29 -12.42 9.01
N PHE B 177 5.48 -13.71 8.82
CA PHE B 177 5.18 -14.70 9.85
C PHE B 177 5.82 -14.30 11.18
N THR B 178 7.12 -14.02 11.15
CA THR B 178 7.87 -13.66 12.34
C THR B 178 7.52 -12.27 12.87
N THR B 179 7.32 -11.30 11.98
CA THR B 179 7.00 -9.95 12.41
C THR B 179 5.71 -9.97 13.22
N HIS B 180 4.74 -10.75 12.74
CA HIS B 180 3.46 -10.88 13.42
C HIS B 180 3.64 -11.44 14.82
N HIS B 181 4.17 -12.65 14.89
CA HIS B 181 4.28 -13.35 16.18
C HIS B 181 5.19 -12.65 17.18
N LEU B 182 6.22 -11.96 16.69
CA LEU B 182 7.15 -11.26 17.56
C LEU B 182 6.50 -10.05 18.23
N SER B 183 5.69 -9.32 17.48
CA SER B 183 4.95 -8.17 18.01
C SER B 183 4.03 -8.56 19.17
N LEU B 184 3.34 -9.68 19.03
CA LEU B 184 2.39 -10.13 20.04
C LEU B 184 3.12 -10.60 21.28
N ALA B 185 4.31 -11.14 21.10
CA ALA B 185 5.09 -11.71 22.19
C ALA B 185 5.85 -10.66 23.00
N VAL B 186 6.19 -9.54 22.37
CA VAL B 186 6.98 -8.49 23.02
C VAL B 186 6.45 -8.13 24.41
N ALA B 187 5.15 -7.92 24.50
CA ALA B 187 4.48 -7.53 25.74
C ALA B 187 4.85 -8.46 26.90
N SER B 188 4.62 -9.75 26.72
CA SER B 188 4.86 -10.74 27.77
C SER B 188 6.31 -11.24 27.75
N LEU B 189 7.24 -10.32 27.57
CA LEU B 189 8.66 -10.67 27.58
C LEU B 189 9.44 -9.83 28.58
N ASP B 190 10.41 -10.47 29.23
CA ASP B 190 11.26 -9.80 30.21
C ASP B 190 12.54 -9.30 29.57
N HIS B 191 13.17 -8.32 30.20
CA HIS B 191 14.45 -7.81 29.77
C HIS B 191 15.49 -8.94 29.83
N PRO B 192 16.48 -8.92 28.93
CA PRO B 192 16.67 -7.93 27.88
C PRO B 192 16.03 -8.35 26.55
N LEU B 193 15.50 -9.57 26.51
CA LEU B 193 14.90 -10.09 25.28
C LEU B 193 13.81 -9.17 24.74
N SER B 194 13.03 -8.59 25.65
CA SER B 194 12.00 -7.64 25.24
C SER B 194 12.64 -6.52 24.41
N GLU B 195 13.77 -6.02 24.87
CA GLU B 195 14.46 -4.93 24.19
C GLU B 195 15.05 -5.37 22.85
N GLU B 196 15.75 -6.49 22.86
CA GLU B 196 16.35 -6.99 21.63
C GLU B 196 15.27 -7.18 20.55
N VAL B 197 14.17 -7.83 20.92
CA VAL B 197 13.10 -8.11 19.97
C VAL B 197 12.45 -6.83 19.44
N SER B 198 12.10 -5.92 20.34
CA SER B 198 11.49 -4.66 19.94
C SER B 198 12.44 -3.79 19.11
N HIS B 199 13.73 -3.91 19.36
CA HIS B 199 14.72 -3.17 18.60
C HIS B 199 14.85 -3.79 17.22
N ALA B 200 14.92 -5.12 17.19
CA ALA B 200 14.97 -5.88 15.96
C ALA B 200 13.80 -5.53 15.05
N LEU B 201 12.65 -5.28 15.64
CA LEU B 201 11.44 -4.98 14.88
C LEU B 201 11.55 -3.63 14.18
N LYS B 202 12.29 -2.71 14.77
CA LYS B 202 12.47 -1.39 14.19
C LYS B 202 13.75 -1.31 13.35
N GLN B 203 14.72 -2.15 13.66
CA GLN B 203 16.02 -2.06 13.02
C GLN B 203 16.71 -3.42 12.93
N SER B 204 16.77 -3.97 11.72
CA SER B 204 17.40 -5.26 11.51
C SER B 204 18.91 -5.14 11.60
N ILE B 205 19.57 -6.24 11.91
CA ILE B 205 21.02 -6.30 11.99
C ILE B 205 21.66 -6.05 10.62
N ARG B 206 21.20 -6.78 9.60
CA ARG B 206 21.76 -6.70 8.26
C ARG B 206 21.81 -5.26 7.74
N ARG B 207 20.77 -4.49 8.02
CA ARG B 207 20.66 -3.15 7.46
C ARG B 207 21.08 -2.04 8.41
N GLY B 208 21.53 -2.42 9.59
CA GLY B 208 22.00 -1.44 10.57
C GLY B 208 23.44 -1.03 10.33
N LEU B 209 23.77 0.20 10.69
CA LEU B 209 25.16 0.65 10.69
C LEU B 209 25.93 -0.06 11.80
N PRO B 210 27.00 -0.77 11.44
CA PRO B 210 27.79 -1.59 12.35
C PRO B 210 28.02 -0.94 13.72
N ARG B 211 28.30 0.36 13.76
CA ARG B 211 28.63 1.04 15.01
C ARG B 211 27.44 1.67 15.74
N VAL B 212 26.44 2.13 14.99
CA VAL B 212 25.22 2.60 15.62
C VAL B 212 24.58 1.41 16.34
N GLU B 213 24.65 0.25 15.71
CA GLU B 213 24.12 -0.98 16.30
C GLU B 213 24.96 -1.43 17.48
N ALA B 214 26.28 -1.38 17.33
CA ALA B 214 27.20 -1.76 18.40
C ALA B 214 26.87 -1.00 19.68
N ARG B 215 26.73 0.32 19.57
CA ARG B 215 26.44 1.14 20.73
C ARG B 215 25.14 0.71 21.40
N HIS B 216 24.29 0.04 20.64
CA HIS B 216 23.06 -0.50 21.21
C HIS B 216 23.27 -1.88 21.79
N TYR B 217 23.91 -2.76 21.01
CA TYR B 217 24.12 -4.13 21.46
C TYR B 217 24.97 -4.18 22.73
N LEU B 218 25.70 -3.10 23.00
CA LEU B 218 26.49 -3.02 24.23
C LEU B 218 25.58 -2.82 25.43
N SER B 219 24.45 -2.17 25.20
CA SER B 219 23.48 -1.89 26.25
C SER B 219 22.65 -3.11 26.62
N VAL B 220 22.74 -4.17 25.81
CA VAL B 220 22.02 -5.41 26.12
C VAL B 220 22.99 -6.59 26.33
N TYR B 221 24.05 -6.63 25.53
CA TYR B 221 25.12 -7.61 25.76
C TYR B 221 26.42 -6.87 26.03
N GLN B 222 26.72 -6.67 27.30
CA GLN B 222 25.79 -7.00 28.37
C GLN B 222 25.11 -5.68 28.80
N ASP B 223 25.19 -5.23 30.05
CA ASP B 223 25.72 -5.98 31.19
C ASP B 223 24.70 -7.03 31.58
N ILE B 224 23.65 -7.10 30.77
CA ILE B 224 22.51 -7.98 31.02
C ILE B 224 22.67 -9.29 30.25
N GLU B 225 22.32 -10.39 30.91
CA GLU B 225 22.20 -11.72 30.29
C GLU B 225 23.42 -12.64 30.39
N SER B 226 23.47 -13.37 31.49
CA SER B 226 24.25 -14.60 31.64
C SER B 226 25.31 -14.94 30.58
N HIS B 227 26.32 -14.09 30.37
CA HIS B 227 27.43 -14.49 29.51
C HIS B 227 28.55 -13.47 29.27
N ASN B 228 29.74 -13.83 29.73
CA ASN B 228 30.99 -13.18 29.32
C ASN B 228 31.16 -11.71 29.68
N LYS B 229 31.88 -11.47 30.78
CA LYS B 229 32.21 -10.11 31.19
C LYS B 229 33.52 -9.66 30.55
N ALA B 230 34.21 -10.59 29.90
CA ALA B 230 35.48 -10.31 29.25
C ALA B 230 35.26 -9.51 27.97
N LEU B 231 34.50 -10.09 27.05
CA LEU B 231 34.15 -9.43 25.80
C LEU B 231 33.46 -8.10 26.10
N LEU B 232 32.44 -8.14 26.94
CA LEU B 232 31.70 -6.94 27.31
C LEU B 232 32.61 -5.77 27.67
N GLU B 233 33.66 -6.05 28.43
CA GLU B 233 34.59 -4.99 28.84
C GLU B 233 35.51 -4.61 27.69
N PHE B 234 36.02 -5.63 27.00
CA PHE B 234 36.87 -5.39 25.83
C PHE B 234 36.19 -4.41 24.87
N ALA B 235 34.94 -4.71 24.52
CA ALA B 235 34.18 -3.87 23.61
C ALA B 235 33.96 -2.47 24.19
N LYS B 236 33.79 -2.39 25.50
CA LYS B 236 33.59 -1.10 26.18
C LYS B 236 34.76 -0.14 25.92
N ILE B 237 35.98 -0.67 26.03
CA ILE B 237 37.18 0.15 25.88
C ILE B 237 37.42 0.49 24.41
N ASP B 238 37.43 -0.54 23.56
CA ASP B 238 37.65 -0.37 22.14
C ASP B 238 36.75 0.73 21.57
N PHE B 239 35.54 0.81 22.11
CA PHE B 239 34.59 1.82 21.68
C PHE B 239 35.15 3.22 21.90
N ASN B 240 35.60 3.48 23.13
CA ASN B 240 36.19 4.76 23.48
C ASN B 240 37.43 5.06 22.65
N MET B 241 38.27 4.05 22.48
CA MET B 241 39.46 4.19 21.63
C MET B 241 39.06 4.77 20.28
N LEU B 242 38.16 4.06 19.59
CA LEU B 242 37.72 4.48 18.27
C LEU B 242 37.03 5.84 18.31
N GLN B 243 36.28 6.10 19.37
CA GLN B 243 35.60 7.38 19.54
C GLN B 243 36.60 8.53 19.65
N PHE B 244 37.61 8.35 20.49
CA PHE B 244 38.67 9.32 20.63
C PHE B 244 39.29 9.60 19.26
N LEU B 245 39.60 8.52 18.54
CA LEU B 245 40.15 8.63 17.18
C LEU B 245 39.23 9.43 16.26
N HIS B 246 37.94 9.10 16.25
CA HIS B 246 37.00 9.81 15.39
C HIS B 246 36.91 11.28 15.77
N ARG B 247 37.01 11.57 17.07
CA ARG B 247 37.03 12.95 17.53
C ARG B 247 38.23 13.71 16.97
N LYS B 248 39.41 13.09 17.04
CA LYS B 248 40.61 13.66 16.44
C LYS B 248 40.35 14.03 14.98
N GLU B 249 39.93 13.04 14.21
CA GLU B 249 39.64 13.24 12.79
C GLU B 249 38.63 14.35 12.58
N LEU B 250 37.47 14.22 13.19
CA LEU B 250 36.42 15.22 13.02
C LEU B 250 36.95 16.60 13.36
N SER B 251 37.71 16.68 14.46
CA SER B 251 38.31 17.95 14.87
C SER B 251 39.23 18.49 13.77
N GLU B 252 40.18 17.65 13.32
CA GLU B 252 41.08 18.05 12.24
C GLU B 252 40.32 18.58 11.02
N ILE B 253 39.32 17.84 10.56
CA ILE B 253 38.58 18.26 9.39
C ILE B 253 37.67 19.43 9.74
N CYS B 254 37.36 19.57 11.03
CA CYS B 254 36.54 20.70 11.49
C CYS B 254 37.28 22.03 11.33
N ARG B 255 38.56 22.04 11.69
CA ARG B 255 39.38 23.25 11.52
C ARG B 255 39.53 23.57 10.05
N TRP B 256 39.60 22.53 9.22
CA TRP B 256 39.68 22.68 7.77
C TRP B 256 38.47 23.42 7.22
N TRP B 257 37.29 23.08 7.76
CA TRP B 257 36.04 23.67 7.30
C TRP B 257 35.87 25.13 7.73
N LYS B 258 36.51 25.49 8.85
CA LYS B 258 36.43 26.86 9.37
C LYS B 258 37.19 27.84 8.47
N ASP B 259 38.41 27.49 8.10
CA ASP B 259 39.24 28.33 7.26
C ASP B 259 38.53 28.67 5.94
N LEU B 260 37.81 27.72 5.39
CA LEU B 260 37.11 27.90 4.11
C LEU B 260 36.14 29.07 4.14
N ASP B 261 35.42 29.21 5.26
CA ASP B 261 34.59 30.38 5.48
C ASP B 261 33.45 30.49 4.47
N PHE B 262 32.71 29.40 4.29
CA PHE B 262 31.55 29.40 3.39
C PHE B 262 30.31 29.92 4.10
N GLN B 263 30.51 30.55 5.25
CA GLN B 263 29.41 31.16 5.98
C GLN B 263 29.07 32.51 5.35
N ARG B 264 30.10 33.31 5.10
CA ARG B 264 29.94 34.61 4.47
C ARG B 264 30.30 34.60 2.99
N LYS B 265 31.10 33.62 2.58
CA LYS B 265 31.50 33.50 1.18
C LYS B 265 30.41 32.84 0.33
N LEU B 266 29.72 31.85 0.91
CA LEU B 266 28.59 31.22 0.24
C LEU B 266 27.34 31.27 1.11
N PRO B 267 26.49 32.27 0.85
CA PRO B 267 25.23 32.50 1.58
C PRO B 267 24.27 31.32 1.47
N TYR B 268 24.02 30.87 0.24
CA TYR B 268 23.06 29.80 -0.03
C TYR B 268 23.48 28.45 0.57
N ALA B 269 24.77 28.30 0.82
CA ALA B 269 25.34 27.04 1.28
C ALA B 269 24.77 26.58 2.63
N ARG B 270 24.74 25.27 2.83
CA ARG B 270 24.32 24.70 4.10
C ARG B 270 25.54 24.30 4.92
N ASP B 271 25.30 23.75 6.12
CA ASP B 271 26.38 23.21 6.94
C ASP B 271 26.01 21.82 7.46
N ARG B 272 26.80 20.82 7.08
CA ARG B 272 26.55 19.45 7.50
C ARG B 272 27.84 18.70 7.83
N VAL B 273 28.96 19.41 7.84
CA VAL B 273 30.26 18.77 8.01
C VAL B 273 30.24 17.66 9.07
N VAL B 274 29.49 17.88 10.14
CA VAL B 274 29.39 16.88 11.20
C VAL B 274 28.60 15.67 10.71
N GLU B 275 27.37 15.91 10.26
CA GLU B 275 26.56 14.84 9.69
C GLU B 275 27.29 14.15 8.54
N GLY B 276 27.98 14.95 7.74
CA GLY B 276 28.78 14.44 6.64
C GLY B 276 29.80 13.44 7.14
N TYR B 277 30.51 13.80 8.20
CA TYR B 277 31.47 12.90 8.82
C TYR B 277 30.75 11.68 9.38
N PHE B 278 29.53 11.89 9.84
CA PHE B 278 28.75 10.79 10.42
C PHE B 278 28.39 9.78 9.33
N TRP B 279 27.89 10.27 8.20
CA TRP B 279 27.56 9.41 7.07
C TRP B 279 28.76 8.57 6.66
N ILE B 280 29.88 9.22 6.36
CA ILE B 280 31.01 8.48 5.79
C ILE B 280 31.79 7.69 6.84
N SER B 281 31.62 8.04 8.11
CA SER B 281 32.14 7.17 9.17
C SER B 281 31.32 5.89 9.19
N GLY B 282 30.12 5.95 8.61
CA GLY B 282 29.29 4.78 8.38
C GLY B 282 29.87 3.94 7.26
N VAL B 283 30.42 4.60 6.24
CA VAL B 283 31.11 3.90 5.16
C VAL B 283 32.19 3.01 5.75
N TYR B 284 33.01 3.57 6.65
CA TYR B 284 33.90 2.77 7.48
C TYR B 284 34.32 3.49 8.76
N PHE B 285 34.35 2.74 9.86
CA PHE B 285 34.66 3.28 11.18
C PHE B 285 36.05 2.82 11.67
N GLU B 286 36.54 1.75 11.07
CA GLU B 286 37.80 1.14 11.48
C GLU B 286 38.99 2.11 11.54
N PRO B 287 40.00 1.78 12.36
CA PRO B 287 41.20 2.62 12.50
C PRO B 287 41.96 2.75 11.19
N GLN B 288 42.18 1.62 10.51
CA GLN B 288 42.94 1.57 9.26
C GLN B 288 42.38 2.47 8.17
N TYR B 289 41.16 2.96 8.33
CA TYR B 289 40.52 3.78 7.30
C TYR B 289 40.49 5.26 7.68
N SER B 290 41.35 5.63 8.63
CA SER B 290 41.36 7.00 9.12
C SER B 290 41.63 7.97 7.98
N LEU B 291 42.67 7.71 7.20
CA LEU B 291 42.98 8.52 6.03
C LEU B 291 41.77 8.59 5.11
N GLY B 292 41.16 7.43 4.87
CA GLY B 292 39.97 7.34 4.04
C GLY B 292 38.85 8.26 4.48
N ARG B 293 38.55 8.24 5.79
CA ARG B 293 37.49 9.06 6.35
C ARG B 293 37.73 10.55 6.17
N LYS B 294 38.94 11.00 6.50
CA LYS B 294 39.27 12.41 6.37
C LYS B 294 39.14 12.86 4.92
N MET B 295 39.66 12.05 4.00
CA MET B 295 39.53 12.37 2.58
C MET B 295 38.07 12.36 2.14
N LEU B 296 37.34 11.33 2.54
CA LEU B 296 35.96 11.17 2.11
C LEU B 296 35.04 12.20 2.75
N THR B 297 35.37 12.62 3.97
CA THR B 297 34.62 13.68 4.63
C THR B 297 34.75 14.99 3.86
N LYS B 298 35.98 15.30 3.46
CA LYS B 298 36.20 16.51 2.66
C LYS B 298 35.41 16.45 1.36
N VAL B 299 35.52 15.33 0.66
CA VAL B 299 34.80 15.14 -0.61
C VAL B 299 33.30 15.33 -0.44
N ILE B 300 32.72 14.65 0.54
CA ILE B 300 31.27 14.70 0.71
C ILE B 300 30.79 16.10 1.05
N ALA B 301 31.59 16.86 1.80
CA ALA B 301 31.25 18.24 2.13
C ALA B 301 31.26 19.13 0.90
N MET B 302 32.29 18.99 0.07
CA MET B 302 32.38 19.73 -1.18
C MET B 302 31.27 19.33 -2.16
N ALA B 303 30.90 18.05 -2.14
CA ALA B 303 29.82 17.59 -2.98
C ALA B 303 28.53 18.25 -2.55
N SER B 304 28.32 18.33 -1.23
CA SER B 304 27.14 18.98 -0.69
C SER B 304 27.09 20.46 -1.08
N ILE B 305 28.25 21.11 -1.02
CA ILE B 305 28.35 22.50 -1.43
C ILE B 305 27.97 22.66 -2.91
N VAL B 306 28.54 21.81 -3.75
CA VAL B 306 28.20 21.81 -5.17
C VAL B 306 26.72 21.56 -5.40
N ASP B 307 26.15 20.65 -4.62
CA ASP B 307 24.74 20.29 -4.76
C ASP B 307 23.84 21.48 -4.45
N ASP B 308 24.24 22.26 -3.46
CA ASP B 308 23.46 23.43 -3.06
C ASP B 308 23.48 24.51 -4.13
N THR B 309 24.62 24.68 -4.78
CA THR B 309 24.74 25.64 -5.88
C THR B 309 23.68 25.36 -6.96
N TYR B 310 23.54 24.09 -7.33
CA TYR B 310 22.52 23.71 -8.31
C TYR B 310 21.11 23.96 -7.78
N ASP B 311 20.97 23.96 -6.46
CA ASP B 311 19.65 24.11 -5.81
C ASP B 311 19.39 25.53 -5.30
N SER B 312 20.34 26.44 -5.50
CA SER B 312 20.22 27.81 -5.00
C SER B 312 19.45 28.69 -5.98
N TYR B 313 19.77 29.99 -5.97
CA TYR B 313 19.15 30.94 -6.88
C TYR B 313 19.88 30.94 -8.22
N ALA B 314 20.84 30.02 -8.36
CA ALA B 314 21.57 29.86 -9.60
C ALA B 314 20.59 29.63 -10.74
N THR B 315 20.80 30.35 -11.84
CA THR B 315 19.96 30.17 -13.02
C THR B 315 20.55 29.06 -13.89
N TYR B 316 19.75 28.52 -14.79
CA TYR B 316 20.23 27.49 -15.69
C TYR B 316 21.44 28.00 -16.47
N GLU B 317 21.37 29.24 -16.94
CA GLU B 317 22.44 29.83 -17.74
C GLU B 317 23.70 30.04 -16.93
N GLU B 318 23.57 30.09 -15.61
CA GLU B 318 24.72 30.18 -14.72
C GLU B 318 25.24 28.79 -14.40
N LEU B 319 24.35 27.80 -14.50
CA LEU B 319 24.70 26.42 -14.17
C LEU B 319 25.42 25.69 -15.31
N ILE B 320 25.10 26.02 -16.56
CA ILE B 320 25.78 25.35 -17.67
C ILE B 320 27.29 25.61 -17.71
N PRO B 321 27.72 26.87 -17.47
CA PRO B 321 29.16 27.16 -17.46
C PRO B 321 29.82 26.60 -16.21
N TYR B 322 29.06 26.58 -15.12
CA TYR B 322 29.52 25.94 -13.89
C TYR B 322 29.79 24.46 -14.16
N THR B 323 28.83 23.80 -14.80
CA THR B 323 28.94 22.38 -15.14
C THR B 323 30.11 22.11 -16.09
N ASN B 324 30.23 22.93 -17.13
CA ASN B 324 31.31 22.79 -18.08
C ASN B 324 32.66 23.02 -17.42
N ALA B 325 32.69 23.92 -16.45
CA ALA B 325 33.90 24.20 -15.70
C ALA B 325 34.32 22.97 -14.91
N ILE B 326 33.36 22.33 -14.25
CA ILE B 326 33.65 21.10 -13.51
C ILE B 326 34.11 19.99 -14.46
N GLU B 327 33.46 19.87 -15.61
CA GLU B 327 33.85 18.88 -16.60
C GLU B 327 35.29 19.09 -17.06
N ARG B 328 35.61 20.33 -17.46
CA ARG B 328 36.97 20.65 -17.86
C ARG B 328 37.95 20.52 -16.69
N TRP B 329 37.53 20.96 -15.52
CA TRP B 329 38.29 20.77 -14.28
C TRP B 329 39.72 21.33 -14.37
N ASP B 330 39.84 22.64 -14.22
CA ASP B 330 41.13 23.33 -14.29
C ASP B 330 40.98 24.76 -13.76
N ILE B 331 41.99 25.23 -13.03
CA ILE B 331 41.98 26.58 -12.46
C ILE B 331 41.70 27.66 -13.51
N LYS B 332 42.12 27.41 -14.74
CA LYS B 332 41.83 28.32 -15.85
C LYS B 332 40.33 28.59 -15.95
N CYS B 333 39.54 27.57 -15.66
CA CYS B 333 38.09 27.65 -15.79
C CYS B 333 37.46 28.54 -14.72
N ILE B 334 38.20 28.84 -13.66
CA ILE B 334 37.65 29.62 -12.56
C ILE B 334 37.22 31.02 -13.01
N ASP B 335 37.71 31.44 -14.17
CA ASP B 335 37.39 32.76 -14.71
C ASP B 335 36.24 32.71 -15.72
N GLU B 336 35.69 31.52 -15.94
CA GLU B 336 34.61 31.34 -16.90
C GLU B 336 33.26 31.23 -16.18
N ILE B 337 33.30 31.19 -14.86
CA ILE B 337 32.11 31.00 -14.05
C ILE B 337 31.70 32.28 -13.33
N PRO B 338 30.41 32.41 -12.99
CA PRO B 338 29.94 33.53 -12.18
C PRO B 338 30.80 33.72 -10.93
N GLU B 339 30.79 34.92 -10.37
CA GLU B 339 31.66 35.26 -9.25
C GLU B 339 31.37 34.45 -8.00
N TYR B 340 30.09 34.27 -7.69
CA TYR B 340 29.68 33.62 -6.46
C TYR B 340 29.89 32.11 -6.50
N MET B 341 30.36 31.61 -7.64
CA MET B 341 30.61 30.18 -7.79
C MET B 341 32.10 29.85 -7.63
N LYS B 342 32.94 30.86 -7.83
CA LYS B 342 34.39 30.68 -7.76
C LYS B 342 34.94 30.08 -6.45
N PRO B 343 34.39 30.49 -5.30
CA PRO B 343 34.88 29.93 -4.03
C PRO B 343 34.67 28.42 -3.96
N SER B 344 33.51 27.95 -4.40
CA SER B 344 33.21 26.53 -4.35
C SER B 344 34.10 25.75 -5.33
N TYR B 345 34.26 26.29 -6.54
CA TYR B 345 35.11 25.65 -7.55
C TYR B 345 36.55 25.55 -7.08
N LYS B 346 37.06 26.67 -6.57
CA LYS B 346 38.41 26.73 -6.01
C LYS B 346 38.65 25.63 -4.98
N ALA B 347 37.75 25.54 -4.01
CA ALA B 347 37.84 24.54 -2.95
C ALA B 347 37.77 23.12 -3.52
N LEU B 348 36.86 22.90 -4.46
CA LEU B 348 36.72 21.59 -5.09
C LEU B 348 38.04 21.10 -5.65
N LEU B 349 38.67 21.92 -6.51
CA LEU B 349 39.94 21.53 -7.10
C LEU B 349 40.99 21.28 -6.03
N ASP B 350 40.96 22.08 -4.96
CA ASP B 350 41.94 21.95 -3.89
C ASP B 350 41.84 20.61 -3.17
N VAL B 351 40.62 20.20 -2.85
CA VAL B 351 40.37 18.94 -2.18
C VAL B 351 41.00 17.75 -2.91
N TYR B 352 40.79 17.69 -4.21
CA TYR B 352 41.30 16.57 -5.00
C TYR B 352 42.81 16.68 -5.23
N GLU B 353 43.30 17.92 -5.31
CA GLU B 353 44.73 18.15 -5.44
C GLU B 353 45.41 17.63 -4.19
N GLU B 354 44.80 17.92 -3.04
CA GLU B 354 45.31 17.44 -1.77
C GLU B 354 45.34 15.91 -1.75
N MET B 355 44.33 15.29 -2.33
CA MET B 355 44.25 13.84 -2.36
C MET B 355 45.44 13.25 -3.11
N VAL B 356 45.66 13.76 -4.31
CA VAL B 356 46.77 13.33 -5.14
C VAL B 356 48.06 13.33 -4.33
N GLN B 357 48.30 14.43 -3.63
CA GLN B 357 49.46 14.54 -2.75
C GLN B 357 49.41 13.54 -1.60
N LEU B 358 48.29 13.54 -0.87
CA LEU B 358 48.11 12.63 0.27
C LEU B 358 48.41 11.17 -0.07
N VAL B 359 48.44 10.88 -1.36
CA VAL B 359 48.42 9.50 -1.82
C VAL B 359 49.68 9.12 -2.60
N ALA B 360 50.45 10.13 -3.03
CA ALA B 360 51.69 9.92 -3.75
C ALA B 360 52.68 9.06 -2.94
N GLU B 361 52.55 9.09 -1.63
CA GLU B 361 53.42 8.32 -0.75
C GLU B 361 53.59 6.88 -1.25
N HIS B 362 52.52 6.31 -1.79
CA HIS B 362 52.58 4.91 -2.24
C HIS B 362 52.26 4.75 -3.71
N GLY B 363 52.34 5.85 -4.45
CA GLY B 363 52.13 5.84 -5.88
C GLY B 363 50.70 5.51 -6.28
N ARG B 364 49.74 5.95 -5.47
CA ARG B 364 48.35 5.61 -5.71
C ARG B 364 47.59 6.77 -6.37
N GLN B 365 48.31 7.67 -7.02
CA GLN B 365 47.71 8.83 -7.68
C GLN B 365 46.63 8.42 -8.68
N TYR B 366 46.82 7.27 -9.32
CA TYR B 366 45.88 6.79 -10.34
C TYR B 366 44.43 6.77 -9.82
N ARG B 367 44.29 6.53 -8.51
CA ARG B 367 42.99 6.45 -7.87
C ARG B 367 42.20 7.77 -7.91
N VAL B 368 42.89 8.90 -7.80
CA VAL B 368 42.21 10.20 -7.69
C VAL B 368 41.49 10.58 -8.98
N GLU B 369 42.09 10.21 -10.10
CA GLU B 369 41.51 10.47 -11.42
C GLU B 369 40.13 9.82 -11.55
N TYR B 370 40.00 8.60 -11.05
CA TYR B 370 38.72 7.90 -11.02
C TYR B 370 37.73 8.62 -10.12
N ALA B 371 38.17 9.01 -8.92
CA ALA B 371 37.31 9.75 -8.00
C ALA B 371 36.82 11.07 -8.60
N LYS B 372 37.70 11.77 -9.31
CA LYS B 372 37.37 13.04 -9.96
C LYS B 372 36.28 12.87 -11.03
N ASN B 373 36.47 11.87 -11.90
CA ASN B 373 35.49 11.55 -12.94
C ASN B 373 34.09 11.27 -12.36
N ALA B 374 34.06 10.57 -11.24
CA ALA B 374 32.81 10.26 -10.58
C ALA B 374 32.12 11.55 -10.14
N MET B 375 32.91 12.48 -9.59
CA MET B 375 32.38 13.78 -9.16
C MET B 375 31.84 14.57 -10.35
N ILE B 376 32.59 14.53 -11.46
CA ILE B 376 32.15 15.15 -12.70
C ILE B 376 30.82 14.59 -13.19
N ARG B 377 30.67 13.26 -13.12
CA ARG B 377 29.42 12.62 -13.52
C ARG B 377 28.28 13.10 -12.64
N LEU B 378 28.55 13.26 -11.34
CA LEU B 378 27.57 13.75 -10.39
C LEU B 378 27.09 15.15 -10.78
N ALA B 379 28.03 16.05 -11.04
CA ALA B 379 27.68 17.43 -11.41
C ALA B 379 26.83 17.43 -12.67
N GLN B 380 27.16 16.54 -13.61
CA GLN B 380 26.39 16.40 -14.85
C GLN B 380 24.94 16.03 -14.59
N SER B 381 24.72 15.14 -13.62
CA SER B 381 23.36 14.76 -13.28
C SER B 381 22.64 15.90 -12.57
N TYR B 382 23.40 16.66 -11.76
CA TYR B 382 22.86 17.84 -11.08
C TYR B 382 22.34 18.84 -12.09
N LEU B 383 23.07 18.99 -13.19
CA LEU B 383 22.71 19.96 -14.22
C LEU B 383 21.36 19.61 -14.85
N VAL B 384 21.15 18.34 -15.17
CA VAL B 384 19.89 17.91 -15.78
C VAL B 384 18.71 18.06 -14.83
N GLU B 385 18.91 17.66 -13.58
CA GLU B 385 17.87 17.76 -12.57
C GLU B 385 17.46 19.22 -12.38
N ALA B 386 18.45 20.11 -12.34
CA ALA B 386 18.19 21.54 -12.24
C ALA B 386 17.31 22.05 -13.38
N LYS B 387 17.67 21.68 -14.61
CA LYS B 387 16.89 22.08 -15.78
C LYS B 387 15.43 21.69 -15.63
N TRP B 388 15.18 20.49 -15.12
CA TRP B 388 13.81 20.01 -15.00
C TRP B 388 13.01 20.89 -14.04
N THR B 389 13.62 21.23 -12.89
CA THR B 389 12.93 22.08 -11.92
C THR B 389 12.81 23.53 -12.40
N LEU B 390 13.90 24.09 -12.93
CA LEU B 390 13.90 25.49 -13.36
C LEU B 390 13.02 25.71 -14.57
N GLN B 391 13.02 24.74 -15.48
CA GLN B 391 12.21 24.85 -16.69
C GLN B 391 10.91 24.08 -16.53
N ASN B 392 10.65 23.65 -15.30
CA ASN B 392 9.40 22.97 -14.97
C ASN B 392 9.00 21.92 -16.01
N TYR B 393 9.61 20.75 -15.91
CA TYR B 393 9.48 19.71 -16.91
C TYR B 393 9.16 18.38 -16.25
N LYS B 394 8.30 17.59 -16.89
CA LYS B 394 7.91 16.30 -16.32
C LYS B 394 8.45 15.17 -17.21
N PRO B 395 9.47 14.46 -16.70
CA PRO B 395 10.24 13.44 -17.43
C PRO B 395 9.42 12.28 -18.02
N SER B 396 9.42 11.18 -17.28
CA SER B 396 8.95 9.88 -17.73
C SER B 396 9.78 8.96 -16.86
N PHE B 397 9.25 7.80 -16.49
CA PHE B 397 9.93 6.99 -15.48
C PHE B 397 11.36 6.55 -15.88
N GLU B 398 11.54 6.13 -17.13
CA GLU B 398 12.87 5.76 -17.60
C GLU B 398 13.76 6.99 -17.72
N GLU B 399 13.27 8.01 -18.43
CA GLU B 399 13.96 9.29 -18.50
C GLU B 399 14.35 9.79 -17.10
N PHE B 400 13.50 9.51 -16.12
CA PHE B 400 13.73 9.93 -14.74
C PHE B 400 14.73 9.02 -14.05
N LYS B 401 14.55 7.71 -14.23
CA LYS B 401 15.45 6.73 -13.64
C LYS B 401 16.84 6.92 -14.23
N ALA B 402 16.88 7.18 -15.53
CA ALA B 402 18.14 7.37 -16.26
C ALA B 402 18.95 8.54 -15.71
N ASN B 403 18.27 9.56 -15.21
CA ASN B 403 18.93 10.77 -14.76
C ASN B 403 18.96 10.97 -13.24
N ALA B 404 17.92 10.50 -12.56
CA ALA B 404 17.79 10.71 -11.11
C ALA B 404 18.70 9.81 -10.27
N LEU B 405 18.93 8.59 -10.73
CA LEU B 405 19.79 7.67 -9.97
C LEU B 405 21.22 8.19 -9.79
N PRO B 406 21.81 8.76 -10.85
CA PRO B 406 23.16 9.31 -10.71
C PRO B 406 23.29 10.45 -9.68
N THR B 407 22.22 11.22 -9.45
CA THR B 407 22.29 12.37 -8.55
C THR B 407 22.43 11.99 -7.09
N CYS B 408 22.26 10.71 -6.80
CA CYS B 408 22.34 10.25 -5.42
C CYS B 408 23.78 10.25 -4.92
N GLY B 409 24.73 10.16 -5.86
CA GLY B 409 26.15 10.25 -5.56
C GLY B 409 26.78 9.02 -4.94
N TYR B 410 26.07 7.90 -4.92
CA TYR B 410 26.55 6.69 -4.24
C TYR B 410 27.66 5.94 -4.96
N ALA B 411 27.72 6.07 -6.28
CA ALA B 411 28.86 5.52 -7.00
C ALA B 411 30.06 6.39 -6.65
N MET B 412 29.86 7.70 -6.71
CA MET B 412 30.90 8.66 -6.35
C MET B 412 31.49 8.36 -4.97
N LEU B 413 30.62 8.20 -3.97
CA LEU B 413 31.10 7.91 -2.62
C LEU B 413 31.84 6.58 -2.48
N ALA B 414 31.34 5.54 -3.15
CA ALA B 414 32.00 4.23 -3.06
C ALA B 414 33.37 4.31 -3.73
N ILE B 415 33.41 4.87 -4.92
CA ILE B 415 34.65 5.02 -5.66
C ILE B 415 35.64 5.84 -4.86
N THR B 416 35.19 7.00 -4.40
CA THR B 416 36.03 7.88 -3.58
C THR B 416 36.51 7.18 -2.31
N SER B 417 35.69 6.30 -1.74
CA SER B 417 36.06 5.61 -0.51
C SER B 417 37.23 4.66 -0.74
N PHE B 418 37.32 4.10 -1.95
CA PHE B 418 38.42 3.19 -2.26
C PHE B 418 39.76 3.92 -2.25
N VAL B 419 39.73 5.23 -2.42
CA VAL B 419 40.97 6.00 -2.57
C VAL B 419 41.89 5.87 -1.35
N GLY B 420 41.31 5.99 -0.16
CA GLY B 420 42.10 5.96 1.06
C GLY B 420 42.31 4.56 1.63
N MET B 421 41.92 3.54 0.89
CA MET B 421 42.09 2.18 1.36
C MET B 421 43.46 1.63 0.99
N GLY B 422 43.79 0.47 1.55
CA GLY B 422 45.10 -0.11 1.34
C GLY B 422 45.24 -0.80 0.01
N ASP B 423 46.10 -1.81 -0.03
CA ASP B 423 46.45 -2.49 -1.27
C ASP B 423 45.37 -3.46 -1.76
N ILE B 424 44.31 -3.64 -0.96
CA ILE B 424 43.19 -4.47 -1.38
C ILE B 424 42.53 -3.76 -2.56
N VAL B 425 42.61 -2.44 -2.56
CA VAL B 425 42.18 -1.63 -3.69
C VAL B 425 43.25 -1.61 -4.78
N THR B 426 42.78 -1.69 -6.02
CA THR B 426 43.64 -2.00 -7.15
C THR B 426 43.14 -1.26 -8.39
N PRO B 427 44.03 -1.05 -9.38
CA PRO B 427 43.54 -0.44 -10.62
C PRO B 427 42.29 -1.13 -11.18
N GLU B 428 42.19 -2.45 -11.01
CA GLU B 428 41.04 -3.21 -11.51
C GLU B 428 39.76 -2.87 -10.75
N THR B 429 39.90 -2.54 -9.47
CA THR B 429 38.75 -2.12 -8.66
C THR B 429 38.04 -0.93 -9.28
N PHE B 430 38.82 0.02 -9.79
CA PHE B 430 38.26 1.22 -10.41
C PHE B 430 37.75 0.98 -11.82
N LYS B 431 38.38 0.08 -12.57
CA LYS B 431 37.85 -0.29 -13.88
C LYS B 431 36.46 -0.88 -13.65
N TRP B 432 36.38 -1.73 -12.63
CA TRP B 432 35.15 -2.38 -12.23
C TRP B 432 34.10 -1.38 -11.76
N ALA B 433 34.47 -0.53 -10.81
CA ALA B 433 33.52 0.42 -10.22
C ALA B 433 33.00 1.41 -11.25
N ALA B 434 33.81 1.71 -12.26
CA ALA B 434 33.44 2.69 -13.28
C ALA B 434 32.56 2.08 -14.37
N SER B 435 32.47 0.75 -14.39
CA SER B 435 31.62 0.08 -15.36
C SER B 435 30.22 -0.10 -14.78
N ASP B 436 29.96 0.54 -13.65
CA ASP B 436 28.64 0.51 -13.01
C ASP B 436 28.19 -0.90 -12.67
N PRO B 437 28.83 -1.53 -11.68
CA PRO B 437 28.53 -2.90 -11.27
C PRO B 437 27.26 -3.01 -10.41
N LYS B 438 26.72 -4.22 -10.31
CA LYS B 438 25.43 -4.47 -9.68
C LYS B 438 25.34 -3.94 -8.24
N ILE B 439 26.33 -4.25 -7.41
CA ILE B 439 26.26 -3.85 -6.02
C ILE B 439 26.12 -2.34 -5.91
N ILE B 440 26.80 -1.61 -6.78
CA ILE B 440 26.72 -0.16 -6.77
C ILE B 440 25.36 0.34 -7.27
N GLN B 441 24.85 -0.28 -8.33
CA GLN B 441 23.51 0.04 -8.81
C GLN B 441 22.47 -0.21 -7.71
N ALA B 442 22.59 -1.34 -7.03
CA ALA B 442 21.65 -1.68 -5.96
C ALA B 442 21.68 -0.65 -4.85
N SER B 443 22.88 -0.30 -4.36
CA SER B 443 22.99 0.73 -3.32
C SER B 443 22.38 2.03 -3.82
N THR B 444 22.47 2.25 -5.14
CA THR B 444 21.97 3.48 -5.76
C THR B 444 20.44 3.54 -5.80
N ILE B 445 19.80 2.43 -6.16
CA ILE B 445 18.34 2.34 -6.11
C ILE B 445 17.88 2.62 -4.68
N ILE B 446 18.51 1.94 -3.73
CA ILE B 446 18.14 2.02 -2.34
C ILE B 446 18.19 3.47 -1.86
N CYS B 447 19.26 4.16 -2.25
CA CYS B 447 19.45 5.57 -1.88
C CYS B 447 18.42 6.51 -2.51
N ARG B 448 18.28 6.45 -3.82
CA ARG B 448 17.38 7.35 -4.54
C ARG B 448 15.92 7.20 -4.12
N PHE B 449 15.40 5.98 -4.11
CA PHE B 449 13.99 5.74 -3.84
C PHE B 449 13.60 6.06 -2.40
N MET B 450 14.40 5.62 -1.44
CA MET B 450 14.13 5.94 -0.05
C MET B 450 14.11 7.45 0.16
N ASP B 451 15.06 8.13 -0.49
CA ASP B 451 15.16 9.57 -0.36
C ASP B 451 13.90 10.25 -0.88
N ASP B 452 13.45 9.84 -2.07
CA ASP B 452 12.26 10.42 -2.67
C ASP B 452 11.01 10.18 -1.83
N VAL B 453 10.89 9.00 -1.24
CA VAL B 453 9.75 8.65 -0.42
C VAL B 453 9.71 9.51 0.85
N ALA B 454 10.88 9.70 1.46
CA ALA B 454 10.99 10.46 2.70
C ALA B 454 10.80 11.96 2.47
N GLU B 455 11.32 12.46 1.37
CA GLU B 455 11.08 13.84 0.99
C GLU B 455 9.60 14.12 0.85
N HIS B 456 8.87 13.17 0.26
CA HIS B 456 7.44 13.37 0.03
C HIS B 456 6.62 13.24 1.30
N LYS B 457 7.10 12.44 2.26
CA LYS B 457 6.47 12.35 3.57
C LYS B 457 6.95 13.49 4.49
N PHE B 458 7.15 14.66 3.91
CA PHE B 458 7.54 15.86 4.64
C PHE B 458 7.51 17.06 3.70
N LYS B 459 8.69 17.53 3.32
CA LYS B 459 8.83 18.65 2.39
C LYS B 459 10.28 18.75 1.90
N ASP B 465 10.64 21.81 -6.86
CA ASP B 465 11.53 20.81 -6.29
C ASP B 465 11.53 19.54 -7.12
N CYS B 466 10.50 19.37 -7.92
CA CYS B 466 10.34 18.19 -8.76
C CYS B 466 10.23 16.91 -7.92
N SER B 467 9.26 16.88 -7.01
CA SER B 467 9.01 15.68 -6.21
C SER B 467 8.86 14.47 -7.11
N ALA B 468 9.75 13.49 -6.94
CA ALA B 468 9.72 12.28 -7.75
C ALA B 468 8.44 11.48 -7.52
N ILE B 469 7.93 11.53 -6.31
CA ILE B 469 6.66 10.86 -6.00
C ILE B 469 5.50 11.62 -6.62
N GLU B 470 5.49 12.94 -6.45
CA GLU B 470 4.43 13.77 -7.00
C GLU B 470 4.41 13.67 -8.51
N CYS B 471 5.60 13.52 -9.09
CA CYS B 471 5.77 13.38 -10.53
C CYS B 471 5.30 12.01 -11.03
N TYR B 472 5.60 10.97 -10.26
CA TYR B 472 5.20 9.61 -10.61
C TYR B 472 3.69 9.41 -10.47
N MET B 473 3.06 10.23 -9.64
CA MET B 473 1.62 10.11 -9.44
C MET B 473 0.86 10.51 -10.70
N GLU B 474 1.36 11.53 -11.40
CA GLU B 474 0.81 11.89 -12.71
C GLU B 474 1.00 10.77 -13.73
N GLU B 475 2.20 10.21 -13.72
CA GLU B 475 2.60 9.14 -14.63
C GLU B 475 1.60 7.98 -14.66
N TYR B 476 1.55 7.20 -13.57
CA TYR B 476 0.70 6.02 -13.51
C TYR B 476 -0.71 6.36 -13.03
N GLY B 477 -0.94 7.65 -12.75
CA GLY B 477 -2.22 8.06 -12.21
C GLY B 477 -2.58 7.30 -10.96
N VAL B 478 -1.74 7.41 -9.95
CA VAL B 478 -1.94 6.71 -8.69
C VAL B 478 -1.81 7.68 -7.53
N THR B 479 -2.08 7.21 -6.32
CA THR B 479 -1.99 8.05 -5.14
C THR B 479 -0.59 8.04 -4.56
N ALA B 480 -0.31 9.01 -3.70
CA ALA B 480 0.97 9.08 -3.01
C ALA B 480 1.30 7.71 -2.43
N GLN B 481 0.38 7.17 -1.64
CA GLN B 481 0.59 5.88 -0.98
C GLN B 481 0.93 4.77 -1.98
N GLU B 482 0.27 4.76 -3.13
CA GLU B 482 0.54 3.73 -4.13
C GLU B 482 1.92 3.93 -4.73
N ALA B 483 2.33 5.20 -4.82
CA ALA B 483 3.68 5.50 -5.29
C ALA B 483 4.69 5.04 -4.24
N TYR B 484 4.38 5.25 -2.96
CA TYR B 484 5.26 4.79 -1.89
C TYR B 484 5.48 3.30 -2.05
N ASP B 485 4.40 2.57 -2.29
CA ASP B 485 4.44 1.11 -2.39
C ASP B 485 5.32 0.65 -3.56
N VAL B 486 5.19 1.31 -4.70
CA VAL B 486 6.04 1.03 -5.85
C VAL B 486 7.50 1.25 -5.48
N PHE B 487 7.81 2.49 -5.11
CA PHE B 487 9.18 2.88 -4.76
C PHE B 487 9.79 1.93 -3.75
N ASN B 488 9.01 1.60 -2.71
CA ASN B 488 9.51 0.70 -1.67
C ASN B 488 9.70 -0.73 -2.15
N LYS B 489 9.03 -1.07 -3.25
CA LYS B 489 9.21 -2.39 -3.84
C LYS B 489 10.57 -2.48 -4.51
N HIS B 490 10.91 -1.46 -5.29
CA HIS B 490 12.24 -1.36 -5.89
C HIS B 490 13.32 -1.49 -4.82
N VAL B 491 13.11 -0.81 -3.69
CA VAL B 491 14.07 -0.81 -2.59
C VAL B 491 14.31 -2.20 -2.02
N GLU B 492 13.24 -2.93 -1.72
CA GLU B 492 13.39 -4.28 -1.18
C GLU B 492 14.06 -5.19 -2.21
N SER B 493 13.75 -4.95 -3.47
CA SER B 493 14.33 -5.71 -4.56
C SER B 493 15.84 -5.40 -4.67
N ALA B 494 16.21 -4.14 -4.45
CA ALA B 494 17.61 -3.75 -4.50
C ALA B 494 18.40 -4.39 -3.36
N TRP B 495 17.82 -4.44 -2.16
CA TRP B 495 18.46 -5.11 -1.04
C TRP B 495 18.72 -6.59 -1.36
N LYS B 496 17.85 -7.17 -2.19
CA LYS B 496 18.02 -8.56 -2.60
C LYS B 496 19.21 -8.69 -3.54
N ASP B 497 19.28 -7.79 -4.53
CA ASP B 497 20.41 -7.73 -5.44
C ASP B 497 21.73 -7.56 -4.68
N LEU B 498 21.70 -6.69 -3.68
CA LEU B 498 22.89 -6.38 -2.90
C LEU B 498 23.37 -7.63 -2.15
N ASN B 499 22.45 -8.29 -1.45
CA ASN B 499 22.76 -9.55 -0.76
C ASN B 499 23.38 -10.55 -1.72
N GLN B 500 22.79 -10.67 -2.91
CA GLN B 500 23.26 -11.59 -3.93
C GLN B 500 24.73 -11.35 -4.31
N GLU B 501 25.10 -10.08 -4.44
CA GLU B 501 26.46 -9.72 -4.85
C GLU B 501 27.51 -10.19 -3.86
N PHE B 502 27.10 -10.52 -2.64
CA PHE B 502 28.02 -10.99 -1.61
C PHE B 502 28.23 -12.50 -1.65
N LEU B 503 27.44 -13.20 -2.47
CA LEU B 503 27.52 -14.66 -2.52
C LEU B 503 28.63 -15.15 -3.44
N LYS B 504 29.46 -16.04 -2.91
CA LYS B 504 30.65 -16.51 -3.62
C LYS B 504 30.30 -17.28 -4.89
N PRO B 505 31.06 -17.05 -5.97
CA PRO B 505 32.20 -16.13 -6.03
C PRO B 505 31.76 -14.68 -6.26
N THR B 506 32.41 -13.74 -5.60
CA THR B 506 32.08 -12.33 -5.74
C THR B 506 33.01 -11.62 -6.74
N GLU B 507 32.51 -10.56 -7.37
CA GLU B 507 33.28 -9.84 -8.38
C GLU B 507 34.45 -9.07 -7.75
N MET B 508 34.32 -8.70 -6.49
CA MET B 508 35.37 -7.96 -5.80
C MET B 508 35.51 -8.45 -4.37
N PRO B 509 36.69 -8.22 -3.77
CA PRO B 509 36.93 -8.58 -2.36
C PRO B 509 35.89 -7.99 -1.42
N THR B 510 35.74 -8.63 -0.28
CA THR B 510 34.76 -8.25 0.74
C THR B 510 34.82 -6.77 1.10
N GLU B 511 36.02 -6.25 1.35
CA GLU B 511 36.18 -4.88 1.84
C GLU B 511 35.84 -3.84 0.79
N VAL B 512 35.87 -4.24 -0.48
CA VAL B 512 35.40 -3.38 -1.55
C VAL B 512 33.88 -3.34 -1.52
N LEU B 513 33.28 -4.52 -1.43
CA LEU B 513 31.82 -4.67 -1.45
C LEU B 513 31.16 -4.03 -0.24
N ASN B 514 31.83 -4.09 0.91
CA ASN B 514 31.28 -3.54 2.17
C ASN B 514 31.01 -2.05 2.11
N ARG B 515 31.78 -1.34 1.29
CA ARG B 515 31.62 0.10 1.10
C ARG B 515 30.22 0.40 0.57
N SER B 516 29.77 -0.40 -0.38
CA SER B 516 28.44 -0.22 -0.96
C SER B 516 27.36 -0.71 0.00
N LEU B 517 27.63 -1.84 0.67
CA LEU B 517 26.73 -2.33 1.71
C LEU B 517 26.48 -1.25 2.77
N ASN B 518 27.56 -0.65 3.25
CA ASN B 518 27.45 0.36 4.31
C ASN B 518 26.75 1.64 3.87
N LEU B 519 26.91 2.02 2.60
CA LEU B 519 26.20 3.18 2.06
C LEU B 519 24.69 2.95 2.04
N ALA B 520 24.29 1.70 1.76
CA ALA B 520 22.87 1.33 1.78
C ALA B 520 22.35 1.28 3.22
N ARG B 521 23.15 0.72 4.13
CA ARG B 521 22.82 0.75 5.55
C ARG B 521 22.58 2.18 6.03
N VAL B 522 23.35 3.12 5.49
CA VAL B 522 23.21 4.53 5.87
C VAL B 522 21.81 5.05 5.56
N MET B 523 21.24 4.56 4.45
CA MET B 523 19.91 4.99 4.05
C MET B 523 18.83 4.40 4.95
N ASP B 524 19.01 3.14 5.33
CA ASP B 524 18.09 2.46 6.21
C ASP B 524 18.05 3.09 7.60
N VAL B 525 19.18 3.69 8.00
CA VAL B 525 19.31 4.24 9.35
C VAL B 525 18.86 5.70 9.45
N LEU B 526 19.03 6.45 8.37
CA LEU B 526 18.81 7.90 8.42
C LEU B 526 17.60 8.40 7.61
N TYR B 527 16.93 7.50 6.90
CA TYR B 527 15.87 7.92 5.99
C TYR B 527 14.58 7.11 6.09
N ARG B 528 14.26 6.66 7.30
CA ARG B 528 13.04 5.86 7.52
C ARG B 528 12.06 6.51 8.50
N GLU B 529 12.02 7.84 8.50
CA GLU B 529 11.10 8.58 9.36
C GLU B 529 11.15 10.03 8.93
N GLY B 530 12.16 10.37 8.14
CA GLY B 530 12.36 11.71 7.64
C GLY B 530 13.70 11.80 6.93
N ASP B 531 13.91 12.89 6.20
CA ASP B 531 15.17 13.09 5.48
C ASP B 531 16.26 13.66 6.39
N GLY B 532 17.48 13.16 6.22
CA GLY B 532 18.61 13.61 7.01
C GLY B 532 18.39 13.42 8.51
N GLY B 537 17.26 15.99 12.01
CA GLY B 537 16.51 14.78 12.27
C GLY B 537 17.03 14.02 13.48
N LYS B 538 16.10 13.48 14.27
CA LYS B 538 16.44 12.71 15.47
C LYS B 538 17.36 11.54 15.13
N ALA B 539 17.28 11.06 13.90
CA ALA B 539 18.08 9.93 13.43
C ALA B 539 19.58 10.22 13.54
N ALA B 540 20.04 11.19 12.76
CA ALA B 540 21.45 11.57 12.77
C ALA B 540 21.84 12.21 14.09
N LYS B 541 21.02 13.15 14.58
CA LYS B 541 21.27 13.84 15.83
C LYS B 541 21.59 12.87 16.96
N GLY B 542 20.77 11.82 17.08
CA GLY B 542 20.98 10.80 18.08
C GLY B 542 22.25 10.01 17.84
N GLY B 543 22.52 9.71 16.57
CA GLY B 543 23.71 8.95 16.20
C GLY B 543 24.99 9.72 16.49
N ILE B 544 24.93 11.03 16.27
CA ILE B 544 26.09 11.89 16.50
C ILE B 544 26.50 11.87 17.96
N THR B 545 25.52 11.99 18.85
CA THR B 545 25.79 12.07 20.28
C THR B 545 26.26 10.74 20.86
N SER B 546 25.60 9.66 20.49
CA SER B 546 25.94 8.35 21.04
C SER B 546 27.25 7.82 20.51
N LEU B 547 27.72 8.40 19.41
CA LEU B 547 28.95 7.95 18.77
C LEU B 547 30.11 8.93 18.92
N LEU B 548 29.80 10.22 19.02
CA LEU B 548 30.83 11.25 18.97
C LEU B 548 30.93 12.16 20.20
N ILE B 549 29.90 12.17 21.03
CA ILE B 549 29.88 13.10 22.16
C ILE B 549 30.00 12.43 23.51
N GLU B 550 29.32 11.30 23.69
CA GLU B 550 29.26 10.64 24.99
C GLU B 550 30.03 9.33 25.05
N PRO B 551 31.23 9.35 25.64
CA PRO B 551 32.09 8.18 25.81
C PRO B 551 31.41 7.11 26.66
N ILE B 552 31.93 5.89 26.58
CA ILE B 552 31.37 4.79 27.36
C ILE B 552 31.82 4.85 28.81
N ALA B 553 30.86 4.92 29.72
CA ALA B 553 31.14 4.88 31.15
C ALA B 553 31.74 3.52 31.52
N LEU B 554 33.05 3.49 31.69
CA LEU B 554 33.77 2.24 31.91
C LEU B 554 33.62 1.71 33.34
#